data_5MA8
#
_entry.id   5MA8
#
_cell.length_a   62.140
_cell.length_b   62.140
_cell.length_c   213.250
_cell.angle_alpha   90.00
_cell.angle_beta   90.00
_cell.angle_gamma   90.00
#
_symmetry.space_group_name_H-M   'P 41'
#
loop_
_entity.id
_entity.type
_entity.pdbx_description
1 polymer 'GA-binding protein subunit beta-1'
2 polymer 'Green fluorescent protein'
3 water water
#
loop_
_entity_poly.entity_id
_entity_poly.type
_entity_poly.pdbx_seq_one_letter_code
_entity_poly.pdbx_strand_id
1 'polypeptide(L)'
;GPGSDLGKKLLEAARAGQDDEVRILMANGADVNAADDVGVTPLHLAAQRGHLEIVEVLLKYGADVNAADLWGQTPLHLAA
TAGHLEIVEVLLKNGADVNARDNIGHTPLHLAAWAGHLEIVEVLLKYGADVNAQDKFGKTPFDLAIDNGNEDIAEVLQKA
A
;
A,C
2 'polypeptide(L)'
;GPGSMVSKGEELFTGVVPILVELDGDVNGHKFSVSGEGEGDATYGKLTLKFICTTGKLPVPWPTLVTTL(CRO)VQCFSR
YPDHMKQHDFFKSAMPEGYVQERTIFFKDDGNYKTRAEVKFEGDTLVNRIELKGIDFKEDGNILGHKLEYNYNSHNVYIM
ADKQKNGIKVNFKIRHNIEDGSVQLADHYQQNTPIGDGPVLLPDNHYLSTQSALSKDPNEKRDHMVLLEFVTAAGITLGM
DELYKQA
;
B,D
#
# COMPACT_ATOMS: atom_id res chain seq x y z
N ASP A 5 17.49 19.85 15.14
CA ASP A 5 17.34 21.29 14.99
C ASP A 5 18.54 21.88 14.27
N LEU A 6 19.72 21.62 14.83
CA LEU A 6 20.98 22.12 14.29
C LEU A 6 21.29 21.59 12.90
N GLY A 7 21.09 20.29 12.70
CA GLY A 7 21.38 19.67 11.43
C GLY A 7 20.63 20.32 10.28
N LYS A 8 19.37 20.62 10.50
CA LYS A 8 18.52 21.24 9.51
C LYS A 8 19.02 22.64 9.14
N LYS A 9 19.39 23.44 10.14
CA LYS A 9 19.97 24.76 9.88
C LYS A 9 21.28 24.69 9.10
N LEU A 10 22.13 23.71 9.42
CA LEU A 10 23.43 23.59 8.77
C LEU A 10 23.25 23.30 7.28
N LEU A 11 22.36 22.37 6.96
CA LEU A 11 22.05 22.06 5.56
C LEU A 11 21.63 23.30 4.80
N GLU A 12 20.79 24.11 5.43
CA GLU A 12 20.28 25.32 4.82
C GLU A 12 21.37 26.38 4.62
N ALA A 13 22.20 26.58 5.64
CA ALA A 13 23.29 27.54 5.55
C ALA A 13 24.26 27.12 4.45
N ALA A 14 24.54 25.82 4.38
CA ALA A 14 25.48 25.29 3.42
C ALA A 14 24.92 25.40 2.00
N ARG A 15 23.64 25.15 1.85
CA ARG A 15 22.97 25.28 0.56
C ARG A 15 22.99 26.73 0.08
N ALA A 16 22.75 27.67 0.98
CA ALA A 16 22.62 29.08 0.62
C ALA A 16 23.99 29.73 0.43
N GLY A 17 25.03 29.08 0.93
CA GLY A 17 26.39 29.56 0.79
C GLY A 17 26.79 30.55 1.85
N GLN A 18 26.17 30.44 3.02
CA GLN A 18 26.41 31.36 4.12
C GLN A 18 27.54 30.86 5.03
N ASP A 19 28.78 31.10 4.61
CA ASP A 19 29.96 30.61 5.31
C ASP A 19 29.99 30.97 6.80
N ASP A 20 29.69 32.23 7.13
CA ASP A 20 29.77 32.67 8.52
C ASP A 20 28.75 31.94 9.40
N GLU A 21 27.55 31.71 8.85
CA GLU A 21 26.50 31.05 9.61
C GLU A 21 26.86 29.58 9.83
N VAL A 22 27.57 28.99 8.87
CA VAL A 22 27.99 27.60 8.99
C VAL A 22 29.03 27.45 10.10
N ARG A 23 29.96 28.40 10.20
CA ARG A 23 30.99 28.34 11.25
C ARG A 23 30.39 28.43 12.65
N ILE A 24 29.42 29.32 12.82
CA ILE A 24 28.70 29.43 14.08
C ILE A 24 28.00 28.12 14.46
N LEU A 25 27.25 27.54 13.52
CA LEU A 25 26.52 26.31 13.79
C LEU A 25 27.45 25.18 14.21
N MET A 26 28.58 25.05 13.53
CA MET A 26 29.57 24.05 13.88
C MET A 26 30.10 24.30 15.30
N ALA A 27 30.43 25.55 15.59
CA ALA A 27 30.93 25.93 16.90
C ALA A 27 29.89 25.62 17.97
N ASN A 28 28.61 25.72 17.59
CA ASN A 28 27.51 25.48 18.52
C ASN A 28 27.05 24.02 18.53
N GLY A 29 27.88 23.12 17.99
CA GLY A 29 27.69 21.69 18.14
C GLY A 29 26.88 20.97 17.07
N ALA A 30 26.68 21.59 15.92
CA ALA A 30 25.94 20.96 14.83
C ALA A 30 26.64 19.70 14.33
N ASP A 31 25.85 18.71 13.94
CA ASP A 31 26.39 17.47 13.38
C ASP A 31 26.93 17.72 11.98
N VAL A 32 28.25 17.63 11.83
CA VAL A 32 28.91 17.90 10.56
C VAL A 32 28.43 16.93 9.49
N ASN A 33 28.04 15.73 9.93
CA ASN A 33 27.56 14.68 9.03
C ASN A 33 26.04 14.55 9.06
N ALA A 34 25.35 15.66 9.36
CA ALA A 34 23.91 15.67 9.30
C ALA A 34 23.43 15.28 7.90
N ALA A 35 22.24 14.70 7.83
CA ALA A 35 21.71 14.21 6.56
C ALA A 35 20.20 14.28 6.56
N ASP A 36 19.65 14.75 5.43
CA ASP A 36 18.22 14.81 5.24
C ASP A 36 17.68 13.42 4.90
N ASP A 37 16.37 13.31 4.69
CA ASP A 37 15.72 12.03 4.52
C ASP A 37 16.11 11.33 3.19
N VAL A 38 16.78 12.07 2.30
CA VAL A 38 17.30 11.48 1.06
C VAL A 38 18.83 11.35 1.07
N GLY A 39 19.43 11.51 2.26
CA GLY A 39 20.84 11.20 2.45
C GLY A 39 21.81 12.30 2.05
N VAL A 40 21.30 13.49 1.78
CA VAL A 40 22.14 14.61 1.36
C VAL A 40 22.73 15.33 2.58
N THR A 41 24.04 15.58 2.55
CA THR A 41 24.75 16.22 3.67
C THR A 41 25.11 17.66 3.34
N PRO A 42 25.53 18.44 4.36
CA PRO A 42 25.96 19.81 4.08
C PRO A 42 27.12 19.86 3.10
N LEU A 43 28.03 18.89 3.16
CA LEU A 43 29.15 18.83 2.24
C LEU A 43 28.69 18.57 0.81
N HIS A 44 27.62 17.78 0.65
CA HIS A 44 27.02 17.58 -0.66
C HIS A 44 26.61 18.92 -1.25
N LEU A 45 25.84 19.68 -0.47
CA LEU A 45 25.27 20.92 -0.94
C LEU A 45 26.32 21.99 -1.23
N ALA A 46 27.29 22.12 -0.33
CA ALA A 46 28.39 23.06 -0.53
C ALA A 46 29.17 22.70 -1.80
N ALA A 47 29.51 21.43 -1.94
CA ALA A 47 30.30 20.97 -3.07
C ALA A 47 29.56 21.18 -4.39
N GLN A 48 28.26 20.96 -4.38
CA GLN A 48 27.44 21.07 -5.58
C GLN A 48 27.38 22.50 -6.09
N ARG A 49 27.22 23.46 -5.17
CA ARG A 49 27.02 24.86 -5.53
C ARG A 49 28.30 25.68 -5.57
N GLY A 50 29.44 25.04 -5.30
CA GLY A 50 30.72 25.70 -5.46
C GLY A 50 31.20 26.52 -4.28
N HIS A 51 30.67 26.26 -3.08
CA HIS A 51 31.04 27.04 -1.90
C HIS A 51 32.31 26.50 -1.27
N LEU A 52 33.44 26.95 -1.78
CA LEU A 52 34.75 26.46 -1.37
C LEU A 52 34.98 26.58 0.14
N GLU A 53 34.70 27.75 0.69
CA GLU A 53 35.01 28.02 2.10
C GLU A 53 34.18 27.13 3.02
N ILE A 54 32.95 26.83 2.63
CA ILE A 54 32.11 25.95 3.43
C ILE A 54 32.59 24.51 3.35
N VAL A 55 33.07 24.10 2.17
CA VAL A 55 33.60 22.74 1.99
C VAL A 55 34.81 22.53 2.89
N GLU A 56 35.69 23.52 2.96
CA GLU A 56 36.90 23.44 3.78
C GLU A 56 36.56 23.38 5.27
N VAL A 57 35.59 24.18 5.69
CA VAL A 57 35.15 24.20 7.08
C VAL A 57 34.55 22.86 7.49
N LEU A 58 33.69 22.31 6.63
CA LEU A 58 33.03 21.05 6.93
C LEU A 58 34.05 19.91 7.05
N LEU A 59 35.01 19.88 6.15
CA LEU A 59 36.06 18.86 6.17
C LEU A 59 36.90 18.95 7.44
N LYS A 60 37.22 20.18 7.86
CA LYS A 60 37.98 20.40 9.09
C LYS A 60 37.24 19.82 10.30
N TYR A 61 35.92 19.93 10.31
CA TYR A 61 35.13 19.41 11.43
C TYR A 61 34.84 17.92 11.29
N GLY A 62 35.41 17.29 10.26
CA GLY A 62 35.32 15.85 10.11
C GLY A 62 34.20 15.36 9.21
N ALA A 63 33.78 16.19 8.26
CA ALA A 63 32.77 15.78 7.30
C ALA A 63 33.20 14.53 6.53
N ASP A 64 32.27 13.59 6.37
CA ASP A 64 32.53 12.38 5.60
C ASP A 64 32.64 12.75 4.12
N VAL A 65 33.88 12.76 3.61
CA VAL A 65 34.14 13.21 2.25
C VAL A 65 33.50 12.30 1.21
N ASN A 66 33.28 11.04 1.57
CA ASN A 66 32.75 10.04 0.63
C ASN A 66 31.32 9.63 0.91
N ALA A 67 30.59 10.45 1.66
CA ALA A 67 29.17 10.19 1.92
C ALA A 67 28.38 10.15 0.62
N ALA A 68 27.39 9.25 0.55
CA ALA A 68 26.61 9.06 -0.66
C ALA A 68 25.11 9.22 -0.38
N ASP A 69 24.44 10.02 -1.21
CA ASP A 69 22.98 10.17 -1.11
C ASP A 69 22.29 8.93 -1.68
N LEU A 70 20.97 8.93 -1.71
CA LEU A 70 20.20 7.78 -2.19
C LEU A 70 20.49 7.44 -3.64
N TRP A 71 20.83 8.45 -4.43
CA TRP A 71 21.17 8.24 -5.83
C TRP A 71 22.64 7.85 -5.99
N GLY A 72 23.31 7.61 -4.88
CA GLY A 72 24.67 7.13 -4.87
C GLY A 72 25.70 8.20 -5.17
N GLN A 73 25.28 9.46 -5.10
CA GLN A 73 26.17 10.56 -5.44
C GLN A 73 26.98 11.02 -4.24
N THR A 74 28.27 11.24 -4.45
CA THR A 74 29.16 11.78 -3.45
C THR A 74 29.42 13.25 -3.76
N PRO A 75 29.96 14.01 -2.80
CA PRO A 75 30.31 15.41 -3.07
C PRO A 75 31.21 15.57 -4.31
N LEU A 76 32.09 14.60 -4.53
CA LEU A 76 32.99 14.67 -5.68
C LEU A 76 32.22 14.54 -6.99
N HIS A 77 31.22 13.68 -7.03
CA HIS A 77 30.35 13.55 -8.21
C HIS A 77 29.77 14.91 -8.56
N LEU A 78 29.25 15.60 -7.55
CA LEU A 78 28.51 16.84 -7.77
C LEU A 78 29.42 18.00 -8.17
N ALA A 79 30.60 18.10 -7.53
CA ALA A 79 31.55 19.16 -7.85
C ALA A 79 32.15 18.96 -9.24
N ALA A 80 32.41 17.71 -9.60
CA ALA A 80 32.97 17.40 -10.91
C ALA A 80 31.94 17.70 -12.00
N THR A 81 30.67 17.55 -11.66
CA THR A 81 29.58 17.83 -12.59
C THR A 81 29.44 19.33 -12.81
N ALA A 82 29.52 20.10 -11.73
CA ALA A 82 29.25 21.53 -11.76
C ALA A 82 30.45 22.35 -12.24
N GLY A 83 31.61 21.70 -12.30
CA GLY A 83 32.81 22.36 -12.80
C GLY A 83 33.55 23.17 -11.75
N HIS A 84 33.44 22.77 -10.49
CA HIS A 84 34.12 23.46 -9.39
C HIS A 84 35.49 22.83 -9.16
N LEU A 85 36.50 23.37 -9.85
CA LEU A 85 37.83 22.78 -9.88
C LEU A 85 38.51 22.69 -8.52
N GLU A 86 38.57 23.80 -7.79
CA GLU A 86 39.27 23.83 -6.51
C GLU A 86 38.62 22.91 -5.48
N ILE A 87 37.30 22.84 -5.50
CA ILE A 87 36.60 21.97 -4.56
C ILE A 87 36.91 20.51 -4.86
N VAL A 88 36.92 20.15 -6.15
CA VAL A 88 37.30 18.80 -6.57
C VAL A 88 38.68 18.46 -6.04
N GLU A 89 39.62 19.38 -6.19
CA GLU A 89 40.98 19.21 -5.67
C GLU A 89 40.98 18.99 -4.16
N VAL A 90 40.25 19.83 -3.44
CA VAL A 90 40.18 19.74 -1.99
C VAL A 90 39.60 18.39 -1.56
N LEU A 91 38.52 17.97 -2.20
CA LEU A 91 37.88 16.70 -1.88
C LEU A 91 38.84 15.53 -2.07
N LEU A 92 39.62 15.56 -3.15
CA LEU A 92 40.57 14.50 -3.43
C LEU A 92 41.73 14.50 -2.44
N LYS A 93 42.25 15.70 -2.14
CA LYS A 93 43.30 15.84 -1.13
C LYS A 93 42.82 15.37 0.25
N ASN A 94 41.51 15.41 0.47
CA ASN A 94 40.92 15.02 1.75
C ASN A 94 40.36 13.60 1.72
N GLY A 95 40.74 12.84 0.70
CA GLY A 95 40.49 11.41 0.67
C GLY A 95 39.29 10.97 -0.15
N ALA A 96 38.78 11.86 -1.00
CA ALA A 96 37.63 11.51 -1.82
C ALA A 96 37.94 10.34 -2.75
N ASP A 97 36.99 9.42 -2.85
CA ASP A 97 37.13 8.25 -3.73
C ASP A 97 36.98 8.70 -5.18
N VAL A 98 38.08 8.66 -5.92
CA VAL A 98 38.12 9.21 -7.28
C VAL A 98 37.29 8.39 -8.27
N ASN A 99 37.02 7.14 -7.92
CA ASN A 99 36.34 6.22 -8.83
C ASN A 99 35.00 5.72 -8.27
N ALA A 100 34.47 6.43 -7.28
CA ALA A 100 33.12 6.15 -6.77
C ALA A 100 32.11 6.15 -7.91
N ARG A 101 31.09 5.31 -7.81
CA ARG A 101 30.13 5.13 -8.90
C ARG A 101 28.74 5.50 -8.41
N ASP A 102 28.07 6.45 -9.06
CA ASP A 102 26.67 6.75 -8.72
C ASP A 102 25.78 5.61 -9.22
N ASN A 103 24.48 5.72 -9.01
CA ASN A 103 23.56 4.63 -9.33
C ASN A 103 23.44 4.28 -10.82
N ILE A 104 23.95 5.16 -11.69
CA ILE A 104 24.01 4.86 -13.12
C ILE A 104 25.42 4.35 -13.44
N GLY A 105 26.26 4.31 -12.43
CA GLY A 105 27.63 3.83 -12.59
C GLY A 105 28.56 4.90 -13.13
N HIS A 106 28.11 6.15 -13.03
CA HIS A 106 28.96 7.28 -13.39
C HIS A 106 30.05 7.46 -12.36
N THR A 107 31.29 7.58 -12.83
CA THR A 107 32.38 8.01 -12.00
C THR A 107 32.52 9.51 -12.16
N PRO A 108 33.26 10.17 -11.27
CA PRO A 108 33.52 11.61 -11.42
C PRO A 108 34.08 11.94 -12.79
N LEU A 109 34.90 11.04 -13.35
CA LEU A 109 35.48 11.26 -14.66
C LEU A 109 34.39 11.22 -15.75
N HIS A 110 33.40 10.34 -15.60
CA HIS A 110 32.27 10.31 -16.54
C HIS A 110 31.59 11.67 -16.61
N LEU A 111 31.31 12.25 -15.44
CA LEU A 111 30.50 13.46 -15.35
C LEU A 111 31.28 14.68 -15.84
N ALA A 112 32.56 14.75 -15.49
CA ALA A 112 33.42 15.85 -15.94
C ALA A 112 33.58 15.84 -17.46
N ALA A 113 33.78 14.65 -18.02
CA ALA A 113 34.00 14.53 -19.46
C ALA A 113 32.72 14.85 -20.21
N TRP A 114 31.60 14.38 -19.67
CA TRP A 114 30.28 14.71 -20.20
C TRP A 114 30.00 16.20 -20.19
N ALA A 115 30.13 16.83 -19.03
CA ALA A 115 29.72 18.22 -18.86
C ALA A 115 30.72 19.22 -19.45
N GLY A 116 31.89 18.72 -19.87
CA GLY A 116 32.81 19.50 -20.67
C GLY A 116 33.92 20.19 -19.89
N HIS A 117 34.17 19.75 -18.66
CA HIS A 117 35.16 20.40 -17.80
C HIS A 117 36.53 19.74 -17.97
N LEU A 118 37.34 20.32 -18.85
CA LEU A 118 38.65 19.76 -19.20
C LEU A 118 39.60 19.72 -18.01
N GLU A 119 39.70 20.84 -17.31
CA GLU A 119 40.65 20.97 -16.21
C GLU A 119 40.36 19.95 -15.11
N ILE A 120 39.08 19.66 -14.90
CA ILE A 120 38.67 18.69 -13.89
C ILE A 120 39.00 17.25 -14.33
N VAL A 121 38.78 16.96 -15.60
CA VAL A 121 39.19 15.68 -16.17
C VAL A 121 40.68 15.45 -15.89
N GLU A 122 41.48 16.49 -16.07
CA GLU A 122 42.93 16.37 -15.88
C GLU A 122 43.31 16.19 -14.40
N VAL A 123 42.57 16.82 -13.50
CA VAL A 123 42.81 16.63 -12.06
C VAL A 123 42.42 15.22 -11.65
N LEU A 124 41.29 14.74 -12.15
CA LEU A 124 40.81 13.41 -11.80
C LEU A 124 41.79 12.34 -12.27
N LEU A 125 42.32 12.53 -13.47
CA LEU A 125 43.31 11.62 -14.05
C LEU A 125 44.60 11.64 -13.25
N LYS A 126 44.97 12.85 -12.83
CA LYS A 126 46.17 13.08 -12.04
C LYS A 126 46.08 12.34 -10.71
N TYR A 127 44.87 12.12 -10.22
CA TYR A 127 44.65 11.43 -8.95
C TYR A 127 44.19 9.98 -9.16
N GLY A 128 44.41 9.45 -10.36
CA GLY A 128 44.20 8.04 -10.64
C GLY A 128 42.80 7.63 -11.06
N ALA A 129 42.08 8.52 -11.72
CA ALA A 129 40.75 8.18 -12.24
C ALA A 129 40.86 7.06 -13.28
N ASP A 130 40.01 6.04 -13.15
CA ASP A 130 39.99 4.92 -14.08
C ASP A 130 39.41 5.34 -15.42
N VAL A 131 40.27 5.43 -16.43
CA VAL A 131 39.88 5.94 -17.74
C VAL A 131 38.96 4.96 -18.47
N ASN A 132 39.10 3.67 -18.16
CA ASN A 132 38.33 2.63 -18.85
C ASN A 132 37.06 2.21 -18.11
N ALA A 133 36.65 2.98 -17.10
CA ALA A 133 35.45 2.67 -16.34
C ALA A 133 34.19 2.74 -17.20
N GLN A 134 33.30 1.75 -17.04
CA GLN A 134 32.04 1.73 -17.78
C GLN A 134 30.87 1.97 -16.83
N ASP A 135 29.95 2.86 -17.22
CA ASP A 135 28.74 3.08 -16.44
C ASP A 135 27.75 1.93 -16.68
N LYS A 136 26.55 2.06 -16.13
CA LYS A 136 25.54 1.00 -16.20
C LYS A 136 25.18 0.65 -17.64
N PHE A 137 25.35 1.61 -18.55
CA PHE A 137 24.98 1.41 -19.95
C PHE A 137 26.22 1.29 -20.83
N GLY A 138 27.31 0.81 -20.23
CA GLY A 138 28.51 0.45 -20.95
C GLY A 138 29.35 1.62 -21.43
N LYS A 139 28.94 2.85 -21.12
CA LYS A 139 29.64 4.02 -21.66
C LYS A 139 30.91 4.33 -20.87
N THR A 140 31.96 4.66 -21.61
CA THR A 140 33.23 5.07 -21.07
C THR A 140 33.27 6.60 -21.05
N PRO A 141 34.12 7.22 -20.21
CA PRO A 141 34.20 8.68 -20.27
C PRO A 141 34.48 9.22 -21.68
N PHE A 142 35.37 8.54 -22.40
CA PHE A 142 35.60 8.83 -23.82
C PHE A 142 34.29 8.80 -24.60
N ASP A 143 33.52 7.72 -24.47
CA ASP A 143 32.21 7.61 -25.13
C ASP A 143 31.35 8.84 -24.85
N LEU A 144 31.37 9.33 -23.62
CA LEU A 144 30.57 10.48 -23.24
C LEU A 144 31.14 11.77 -23.84
N ALA A 145 32.46 11.84 -23.92
CA ALA A 145 33.13 12.97 -24.55
C ALA A 145 32.72 13.13 -26.02
N ILE A 146 32.73 12.03 -26.78
CA ILE A 146 32.35 12.10 -28.19
C ILE A 146 30.84 12.37 -28.35
N ASP A 147 30.03 11.73 -27.51
CA ASP A 147 28.57 11.95 -27.53
C ASP A 147 28.22 13.43 -27.44
N ASN A 148 28.98 14.16 -26.64
CA ASN A 148 28.70 15.57 -26.37
C ASN A 148 29.63 16.52 -27.12
N GLY A 149 30.39 15.98 -28.07
CA GLY A 149 31.24 16.77 -28.95
C GLY A 149 32.38 17.54 -28.27
N ASN A 150 32.82 17.04 -27.12
CA ASN A 150 33.99 17.61 -26.45
C ASN A 150 35.28 16.94 -26.90
N GLU A 151 35.82 17.42 -28.01
CA GLU A 151 36.94 16.77 -28.67
C GLU A 151 38.26 16.89 -27.89
N ASP A 152 38.50 18.05 -27.28
CA ASP A 152 39.71 18.24 -26.48
C ASP A 152 39.78 17.20 -25.36
N ILE A 153 38.66 16.99 -24.67
CA ILE A 153 38.58 16.00 -23.60
C ILE A 153 38.75 14.58 -24.16
N ALA A 154 38.13 14.30 -25.30
CA ALA A 154 38.24 12.99 -25.91
C ALA A 154 39.71 12.67 -26.21
N GLU A 155 40.43 13.68 -26.69
CA GLU A 155 41.86 13.55 -26.96
C GLU A 155 42.68 13.20 -25.71
N VAL A 156 42.52 13.97 -24.63
CA VAL A 156 43.31 13.74 -23.42
C VAL A 156 43.03 12.36 -22.84
N LEU A 157 41.77 11.91 -22.91
CA LEU A 157 41.40 10.60 -22.42
C LEU A 157 42.06 9.51 -23.27
N GLN A 158 42.04 9.72 -24.58
CA GLN A 158 42.67 8.82 -25.53
C GLN A 158 44.14 8.54 -25.18
N LYS A 159 44.89 9.60 -24.90
CA LYS A 159 46.33 9.49 -24.65
C LYS A 159 46.63 9.10 -23.22
N ALA A 160 45.59 8.79 -22.45
CA ALA A 160 45.75 8.43 -21.05
C ALA A 160 45.53 6.93 -20.85
N ALA A 161 45.17 6.25 -21.94
CA ALA A 161 45.00 4.81 -21.93
C ALA A 161 46.20 4.13 -22.58
N GLY B 3 -36.00 -33.99 2.87
CA GLY B 3 -35.52 -34.80 3.97
C GLY B 3 -34.28 -34.20 4.62
N SER B 4 -33.85 -34.78 5.74
CA SER B 4 -32.67 -34.30 6.43
C SER B 4 -31.39 -34.79 5.73
N ASP B 5 -31.41 -36.02 5.23
CA ASP B 5 -30.33 -36.50 4.35
C ASP B 5 -30.32 -35.67 3.06
N LEU B 6 -31.47 -35.56 2.41
CA LEU B 6 -31.58 -34.75 1.19
C LEU B 6 -31.17 -33.29 1.47
N GLY B 7 -31.65 -32.75 2.60
CA GLY B 7 -31.33 -31.39 2.98
C GLY B 7 -29.84 -31.15 3.14
N LYS B 8 -29.15 -32.10 3.76
CA LYS B 8 -27.71 -32.00 3.95
C LYS B 8 -27.00 -31.98 2.61
N LYS B 9 -27.43 -32.85 1.71
CA LYS B 9 -26.90 -32.92 0.35
C LYS B 9 -27.11 -31.59 -0.37
N LEU B 10 -28.30 -31.02 -0.20
CA LEU B 10 -28.67 -29.78 -0.88
C LEU B 10 -27.82 -28.60 -0.43
N LEU B 11 -27.62 -28.46 0.88
CA LEU B 11 -26.78 -27.41 1.44
C LEU B 11 -25.37 -27.45 0.88
N GLU B 12 -24.80 -28.64 0.78
CA GLU B 12 -23.44 -28.81 0.27
C GLU B 12 -23.36 -28.48 -1.21
N ALA B 13 -24.35 -28.96 -1.98
CA ALA B 13 -24.39 -28.69 -3.41
C ALA B 13 -24.47 -27.19 -3.69
N ALA B 14 -25.27 -26.50 -2.88
CA ALA B 14 -25.47 -25.06 -3.04
C ALA B 14 -24.20 -24.27 -2.70
N ARG B 15 -23.49 -24.69 -1.66
CA ARG B 15 -22.22 -24.04 -1.30
C ARG B 15 -21.21 -24.22 -2.42
N ALA B 16 -21.16 -25.43 -2.96
CA ALA B 16 -20.12 -25.81 -3.92
C ALA B 16 -20.38 -25.26 -5.33
N GLY B 17 -21.62 -24.84 -5.59
CA GLY B 17 -21.95 -24.26 -6.87
C GLY B 17 -22.27 -25.32 -7.92
N GLN B 18 -22.75 -26.47 -7.47
CA GLN B 18 -23.04 -27.58 -8.35
C GLN B 18 -24.46 -27.49 -8.87
N ASP B 19 -24.64 -26.68 -9.91
CA ASP B 19 -25.95 -26.39 -10.49
C ASP B 19 -26.75 -27.66 -10.79
N ASP B 20 -26.11 -28.61 -11.47
CA ASP B 20 -26.78 -29.83 -11.89
C ASP B 20 -27.23 -30.67 -10.70
N GLU B 21 -26.40 -30.70 -9.66
CA GLU B 21 -26.70 -31.54 -8.51
C GLU B 21 -27.90 -31.04 -7.70
N VAL B 22 -28.08 -29.73 -7.59
CA VAL B 22 -29.22 -29.21 -6.83
C VAL B 22 -30.49 -29.54 -7.61
N ARG B 23 -30.43 -29.42 -8.93
CA ARG B 23 -31.58 -29.70 -9.77
C ARG B 23 -32.03 -31.14 -9.59
N ILE B 24 -31.07 -32.07 -9.55
CA ILE B 24 -31.39 -33.46 -9.26
C ILE B 24 -32.04 -33.56 -7.88
N LEU B 25 -31.40 -32.96 -6.87
CA LEU B 25 -31.90 -33.01 -5.51
C LEU B 25 -33.30 -32.40 -5.37
N MET B 26 -33.54 -31.27 -6.01
CA MET B 26 -34.86 -30.65 -5.98
C MET B 26 -35.89 -31.60 -6.60
N ALA B 27 -35.52 -32.20 -7.73
CA ALA B 27 -36.41 -33.14 -8.41
C ALA B 27 -36.74 -34.35 -7.54
N ASN B 28 -35.80 -34.75 -6.68
CA ASN B 28 -36.01 -35.90 -5.80
C ASN B 28 -36.63 -35.53 -4.44
N GLY B 29 -37.19 -34.33 -4.35
CA GLY B 29 -38.02 -33.97 -3.21
C GLY B 29 -37.32 -33.33 -2.03
N ALA B 30 -36.10 -32.85 -2.22
CA ALA B 30 -35.36 -32.21 -1.14
C ALA B 30 -36.07 -30.94 -0.67
N ASP B 31 -36.00 -30.67 0.64
CA ASP B 31 -36.59 -29.47 1.19
C ASP B 31 -35.75 -28.26 0.79
N VAL B 32 -36.34 -27.40 -0.03
CA VAL B 32 -35.68 -26.20 -0.51
C VAL B 32 -35.30 -25.31 0.67
N ASN B 33 -36.07 -25.42 1.75
CA ASN B 33 -35.86 -24.63 2.96
C ASN B 33 -35.16 -25.40 4.06
N ALA B 34 -34.36 -26.40 3.68
CA ALA B 34 -33.54 -27.13 4.65
C ALA B 34 -32.62 -26.15 5.38
N ALA B 35 -32.26 -26.50 6.60
CA ALA B 35 -31.43 -25.62 7.43
C ALA B 35 -30.54 -26.42 8.37
N ASP B 36 -29.27 -26.03 8.47
CA ASP B 36 -28.35 -26.68 9.39
C ASP B 36 -28.59 -26.16 10.80
N ASP B 37 -27.80 -26.62 11.75
CA ASP B 37 -28.05 -26.32 13.16
C ASP B 37 -27.82 -24.85 13.53
N VAL B 38 -27.22 -24.08 12.63
CA VAL B 38 -27.03 -22.64 12.85
C VAL B 38 -27.92 -21.79 11.94
N GLY B 39 -28.88 -22.44 11.30
CA GLY B 39 -29.92 -21.73 10.57
C GLY B 39 -29.58 -21.34 9.15
N VAL B 40 -28.47 -21.86 8.63
CA VAL B 40 -28.07 -21.53 7.26
C VAL B 40 -28.80 -22.43 6.28
N THR B 41 -29.38 -21.79 5.26
CA THR B 41 -30.15 -22.49 4.24
C THR B 41 -29.37 -22.54 2.93
N PRO B 42 -29.82 -23.34 1.97
CA PRO B 42 -29.14 -23.39 0.66
C PRO B 42 -29.12 -22.04 -0.04
N LEU B 43 -30.17 -21.25 0.15
CA LEU B 43 -30.26 -19.93 -0.47
C LEU B 43 -29.21 -18.97 0.12
N HIS B 44 -28.92 -19.13 1.41
CA HIS B 44 -27.84 -18.37 2.04
C HIS B 44 -26.54 -18.63 1.31
N LEU B 45 -26.20 -19.92 1.21
CA LEU B 45 -24.92 -20.35 0.66
C LEU B 45 -24.82 -20.02 -0.82
N ALA B 46 -25.91 -20.23 -1.55
CA ALA B 46 -25.93 -19.88 -2.97
C ALA B 46 -25.71 -18.38 -3.16
N ALA B 47 -26.43 -17.58 -2.40
CA ALA B 47 -26.35 -16.12 -2.52
C ALA B 47 -24.96 -15.62 -2.11
N GLN B 48 -24.40 -16.22 -1.07
CA GLN B 48 -23.11 -15.82 -0.55
C GLN B 48 -21.98 -16.13 -1.54
N ARG B 49 -22.07 -17.28 -2.20
CA ARG B 49 -20.98 -17.76 -3.05
C ARG B 49 -21.12 -17.32 -4.51
N GLY B 50 -22.18 -16.58 -4.81
CA GLY B 50 -22.33 -15.97 -6.12
C GLY B 50 -22.93 -16.87 -7.19
N HIS B 51 -23.59 -17.94 -6.79
CA HIS B 51 -24.14 -18.91 -7.73
C HIS B 51 -25.55 -18.50 -8.17
N LEU B 52 -25.62 -17.64 -9.17
CA LEU B 52 -26.87 -17.03 -9.63
C LEU B 52 -27.97 -18.01 -10.00
N GLU B 53 -27.63 -19.00 -10.82
CA GLU B 53 -28.64 -19.91 -11.36
C GLU B 53 -29.25 -20.78 -10.25
N ILE B 54 -28.45 -21.11 -9.24
CA ILE B 54 -28.95 -21.91 -8.14
C ILE B 54 -29.91 -21.13 -7.24
N VAL B 55 -29.65 -19.84 -7.01
CA VAL B 55 -30.58 -19.04 -6.19
C VAL B 55 -31.92 -18.97 -6.90
N GLU B 56 -31.90 -18.79 -8.21
CA GLU B 56 -33.13 -18.69 -8.98
C GLU B 56 -33.93 -19.98 -8.90
N VAL B 57 -33.26 -21.12 -8.97
CA VAL B 57 -33.94 -22.41 -8.84
C VAL B 57 -34.58 -22.55 -7.46
N LEU B 58 -33.81 -22.22 -6.43
CA LEU B 58 -34.29 -22.33 -5.06
C LEU B 58 -35.51 -21.43 -4.84
N LEU B 59 -35.43 -20.21 -5.34
CA LEU B 59 -36.53 -19.26 -5.21
C LEU B 59 -37.76 -19.79 -5.93
N LYS B 60 -37.54 -20.38 -7.10
CA LYS B 60 -38.61 -20.96 -7.89
C LYS B 60 -39.35 -22.05 -7.12
N TYR B 61 -38.61 -22.85 -6.35
CA TYR B 61 -39.22 -23.92 -5.57
C TYR B 61 -39.73 -23.45 -4.20
N GLY B 62 -39.65 -22.14 -3.96
CA GLY B 62 -40.26 -21.56 -2.78
C GLY B 62 -39.32 -21.37 -1.59
N ALA B 63 -38.02 -21.23 -1.88
CA ALA B 63 -37.07 -20.94 -0.83
C ALA B 63 -37.45 -19.65 -0.11
N ASP B 64 -37.39 -19.64 1.21
CA ASP B 64 -37.69 -18.45 2.00
C ASP B 64 -36.62 -17.40 1.76
N VAL B 65 -36.99 -16.35 1.03
CA VAL B 65 -36.06 -15.31 0.62
C VAL B 65 -35.50 -14.54 1.82
N ASN B 66 -36.26 -14.49 2.90
CA ASN B 66 -35.89 -13.67 4.06
C ASN B 66 -35.49 -14.51 5.28
N ALA B 67 -35.15 -15.77 5.07
CA ALA B 67 -34.68 -16.63 6.15
C ALA B 67 -33.41 -16.06 6.78
N ALA B 68 -33.30 -16.18 8.10
CA ALA B 68 -32.18 -15.61 8.84
C ALA B 68 -31.43 -16.65 9.67
N ASP B 69 -30.11 -16.68 9.55
CA ASP B 69 -29.29 -17.58 10.38
C ASP B 69 -29.22 -17.03 11.81
N LEU B 70 -28.47 -17.72 12.67
CA LEU B 70 -28.37 -17.34 14.07
C LEU B 70 -27.79 -15.94 14.26
N TRP B 71 -26.93 -15.53 13.34
CA TRP B 71 -26.31 -14.22 13.40
C TRP B 71 -27.21 -13.16 12.76
N GLY B 72 -28.42 -13.57 12.37
CA GLY B 72 -29.42 -12.66 11.84
C GLY B 72 -29.21 -12.30 10.38
N GLN B 73 -28.37 -13.06 9.68
CA GLN B 73 -28.04 -12.74 8.30
C GLN B 73 -29.04 -13.38 7.34
N THR B 74 -29.46 -12.60 6.35
CA THR B 74 -30.32 -13.08 5.29
C THR B 74 -29.49 -13.27 4.04
N PRO B 75 -30.02 -13.99 3.04
CA PRO B 75 -29.29 -14.12 1.78
C PRO B 75 -28.90 -12.77 1.19
N LEU B 76 -29.73 -11.76 1.40
CA LEU B 76 -29.45 -10.42 0.86
C LEU B 76 -28.25 -9.78 1.54
N HIS B 77 -28.13 -9.97 2.86
CA HIS B 77 -26.96 -9.48 3.59
C HIS B 77 -25.68 -10.01 2.96
N LEU B 78 -25.67 -11.32 2.69
CA LEU B 78 -24.49 -12.01 2.25
C LEU B 78 -24.13 -11.68 0.80
N ALA B 79 -25.15 -11.58 -0.06
CA ALA B 79 -24.92 -11.23 -1.44
C ALA B 79 -24.47 -9.78 -1.54
N ALA B 80 -25.05 -8.94 -0.70
CA ALA B 80 -24.72 -7.51 -0.70
C ALA B 80 -23.30 -7.32 -0.20
N THR B 81 -22.85 -8.22 0.67
CA THR B 81 -21.48 -8.19 1.18
C THR B 81 -20.50 -8.64 0.10
N ALA B 82 -20.87 -9.68 -0.62
CA ALA B 82 -19.95 -10.32 -1.56
C ALA B 82 -19.87 -9.58 -2.90
N GLY B 83 -20.81 -8.70 -3.16
CA GLY B 83 -20.80 -7.89 -4.37
C GLY B 83 -21.47 -8.55 -5.56
N HIS B 84 -22.38 -9.48 -5.28
CA HIS B 84 -23.08 -10.21 -6.34
C HIS B 84 -24.31 -9.42 -6.77
N LEU B 85 -24.12 -8.57 -7.77
CA LEU B 85 -25.14 -7.63 -8.22
C LEU B 85 -26.43 -8.31 -8.67
N GLU B 86 -26.31 -9.27 -9.57
CA GLU B 86 -27.49 -9.92 -10.15
C GLU B 86 -28.27 -10.69 -9.10
N ILE B 87 -27.56 -11.32 -8.16
CA ILE B 87 -28.25 -12.07 -7.11
C ILE B 87 -29.01 -11.12 -6.22
N VAL B 88 -28.41 -9.98 -5.89
CA VAL B 88 -29.09 -8.93 -5.13
C VAL B 88 -30.36 -8.50 -5.86
N GLU B 89 -30.23 -8.27 -7.17
CA GLU B 89 -31.37 -7.90 -8.00
C GLU B 89 -32.46 -8.97 -7.94
N VAL B 90 -32.07 -10.24 -8.10
CA VAL B 90 -33.03 -11.34 -8.05
C VAL B 90 -33.72 -11.44 -6.69
N LEU B 91 -32.95 -11.36 -5.61
CA LEU B 91 -33.50 -11.46 -4.26
C LEU B 91 -34.52 -10.36 -3.98
N LEU B 92 -34.23 -9.14 -4.42
CA LEU B 92 -35.12 -8.01 -4.21
C LEU B 92 -36.39 -8.17 -5.02
N LYS B 93 -36.24 -8.64 -6.26
CA LYS B 93 -37.39 -8.91 -7.12
C LYS B 93 -38.30 -9.96 -6.50
N ASN B 94 -37.73 -10.84 -5.66
CA ASN B 94 -38.49 -11.93 -5.05
C ASN B 94 -38.92 -11.68 -3.61
N GLY B 95 -38.85 -10.41 -3.18
CA GLY B 95 -39.46 -10.02 -1.92
C GLY B 95 -38.51 -9.89 -0.75
N ALA B 96 -37.21 -9.86 -1.01
CA ALA B 96 -36.22 -9.74 0.06
C ALA B 96 -36.41 -8.43 0.81
N ASP B 97 -36.32 -8.50 2.14
CA ASP B 97 -36.46 -7.33 2.98
C ASP B 97 -35.22 -6.47 2.83
N VAL B 98 -35.40 -5.31 2.21
CA VAL B 98 -34.28 -4.45 1.83
C VAL B 98 -33.60 -3.83 3.05
N ASN B 99 -34.29 -3.81 4.19
CA ASN B 99 -33.79 -3.17 5.40
C ASN B 99 -33.66 -4.13 6.58
N ALA B 100 -33.61 -5.43 6.29
CA ALA B 100 -33.32 -6.43 7.32
C ALA B 100 -32.02 -6.12 8.06
N ARG B 101 -31.98 -6.49 9.33
CA ARG B 101 -30.86 -6.19 10.23
C ARG B 101 -30.19 -7.45 10.78
N ASP B 102 -28.89 -7.60 10.54
CA ASP B 102 -28.16 -8.69 11.18
C ASP B 102 -27.96 -8.32 12.64
N ASN B 103 -27.35 -9.21 13.42
CA ASN B 103 -27.27 -9.00 14.86
C ASN B 103 -26.37 -7.83 15.29
N ILE B 104 -25.62 -7.27 14.34
CA ILE B 104 -24.84 -6.06 14.59
C ILE B 104 -25.58 -4.81 14.08
N GLY B 105 -26.76 -5.04 13.51
CA GLY B 105 -27.58 -3.94 13.02
C GLY B 105 -27.19 -3.47 11.64
N HIS B 106 -26.40 -4.28 10.93
CA HIS B 106 -26.09 -3.98 9.54
C HIS B 106 -27.29 -4.27 8.66
N THR B 107 -27.62 -3.30 7.81
CA THR B 107 -28.58 -3.52 6.74
C THR B 107 -27.77 -3.87 5.49
N PRO B 108 -28.43 -4.39 4.46
CA PRO B 108 -27.72 -4.64 3.21
C PRO B 108 -26.99 -3.40 2.70
N LEU B 109 -27.56 -2.22 2.94
CA LEU B 109 -26.95 -0.97 2.52
C LEU B 109 -25.65 -0.68 3.29
N HIS B 110 -25.63 -1.00 4.58
CA HIS B 110 -24.40 -0.86 5.36
C HIS B 110 -23.29 -1.68 4.71
N LEU B 111 -23.62 -2.92 4.38
CA LEU B 111 -22.64 -3.89 3.92
C LEU B 111 -22.12 -3.57 2.52
N ALA B 112 -23.01 -3.17 1.62
CA ALA B 112 -22.62 -2.78 0.27
C ALA B 112 -21.72 -1.55 0.30
N ALA B 113 -22.07 -0.58 1.13
CA ALA B 113 -21.31 0.67 1.23
C ALA B 113 -19.95 0.40 1.87
N TRP B 114 -19.94 -0.42 2.91
CA TRP B 114 -18.71 -0.86 3.56
C TRP B 114 -17.80 -1.58 2.56
N ALA B 115 -18.35 -2.59 1.89
CA ALA B 115 -17.54 -3.46 1.05
C ALA B 115 -17.23 -2.83 -0.31
N GLY B 116 -17.87 -1.71 -0.63
CA GLY B 116 -17.46 -0.91 -1.77
C GLY B 116 -18.20 -1.19 -3.07
N HIS B 117 -19.35 -1.84 -2.99
CA HIS B 117 -20.11 -2.22 -4.18
C HIS B 117 -21.13 -1.14 -4.55
N LEU B 118 -20.73 -0.24 -5.44
CA LEU B 118 -21.54 0.92 -5.80
C LEU B 118 -22.86 0.54 -6.47
N GLU B 119 -22.78 -0.33 -7.46
CA GLU B 119 -23.94 -0.68 -8.25
C GLU B 119 -25.02 -1.29 -7.37
N ILE B 120 -24.60 -2.05 -6.37
CA ILE B 120 -25.53 -2.68 -5.43
C ILE B 120 -26.16 -1.64 -4.51
N VAL B 121 -25.35 -0.70 -4.04
CA VAL B 121 -25.86 0.42 -3.27
C VAL B 121 -26.98 1.15 -4.00
N GLU B 122 -26.78 1.38 -5.30
CA GLU B 122 -27.76 2.11 -6.10
C GLU B 122 -29.03 1.29 -6.34
N VAL B 123 -28.88 -0.03 -6.48
CA VAL B 123 -30.05 -0.90 -6.61
C VAL B 123 -30.80 -0.95 -5.29
N LEU B 124 -30.07 -1.02 -4.18
CA LEU B 124 -30.67 -1.09 -2.87
C LEU B 124 -31.47 0.18 -2.59
N LEU B 125 -30.95 1.32 -3.03
CA LEU B 125 -31.63 2.60 -2.85
C LEU B 125 -32.95 2.64 -3.62
N LYS B 126 -32.93 2.14 -4.85
CA LYS B 126 -34.14 2.11 -5.69
C LYS B 126 -35.25 1.27 -5.06
N TYR B 127 -34.87 0.31 -4.22
CA TYR B 127 -35.85 -0.55 -3.55
C TYR B 127 -36.20 -0.08 -2.15
N GLY B 128 -35.88 1.17 -1.86
CA GLY B 128 -36.32 1.79 -0.62
C GLY B 128 -35.42 1.53 0.58
N ALA B 129 -34.13 1.36 0.33
CA ALA B 129 -33.19 1.18 1.44
C ALA B 129 -33.14 2.43 2.33
N ASP B 130 -33.24 2.21 3.64
CA ASP B 130 -33.18 3.29 4.62
C ASP B 130 -31.76 3.84 4.69
N VAL B 131 -31.58 5.06 4.20
CA VAL B 131 -30.26 5.65 4.09
C VAL B 131 -29.67 6.03 5.45
N ASN B 132 -30.54 6.40 6.39
CA ASN B 132 -30.11 6.87 7.70
C ASN B 132 -30.15 5.79 8.79
N ALA B 133 -30.27 4.53 8.38
CA ALA B 133 -30.31 3.45 9.34
C ALA B 133 -29.01 3.38 10.13
N GLN B 134 -29.13 3.19 11.44
CA GLN B 134 -27.97 3.06 12.31
C GLN B 134 -27.82 1.63 12.80
N ASP B 135 -26.60 1.10 12.70
CA ASP B 135 -26.34 -0.22 13.23
C ASP B 135 -26.18 -0.14 14.75
N LYS B 136 -25.81 -1.25 15.36
CA LYS B 136 -25.78 -1.36 16.82
C LYS B 136 -24.85 -0.30 17.42
N PHE B 137 -23.85 0.11 16.65
CA PHE B 137 -22.85 1.06 17.13
C PHE B 137 -22.99 2.43 16.45
N GLY B 138 -24.22 2.77 16.08
CA GLY B 138 -24.56 4.11 15.63
C GLY B 138 -24.10 4.48 14.21
N LYS B 139 -23.45 3.55 13.53
CA LYS B 139 -22.92 3.84 12.20
C LYS B 139 -23.99 3.74 11.13
N THR B 140 -23.98 4.71 10.20
CA THR B 140 -24.83 4.71 9.03
C THR B 140 -24.05 4.17 7.84
N PRO B 141 -24.75 3.76 6.77
CA PRO B 141 -24.05 3.30 5.57
C PRO B 141 -23.00 4.32 5.10
N PHE B 142 -23.38 5.59 5.17
CA PHE B 142 -22.47 6.69 4.90
C PHE B 142 -21.19 6.64 5.74
N ASP B 143 -21.35 6.53 7.06
CA ASP B 143 -20.21 6.39 7.97
C ASP B 143 -19.27 5.26 7.55
N LEU B 144 -19.83 4.13 7.14
CA LEU B 144 -19.01 2.98 6.80
C LEU B 144 -18.30 3.24 5.46
N ALA B 145 -18.97 3.94 4.56
CA ALA B 145 -18.37 4.33 3.29
C ALA B 145 -17.13 5.19 3.53
N ILE B 146 -17.24 6.19 4.40
CA ILE B 146 -16.10 7.05 4.71
C ILE B 146 -15.05 6.29 5.52
N ASP B 147 -15.49 5.49 6.49
CA ASP B 147 -14.57 4.66 7.29
C ASP B 147 -13.65 3.80 6.43
N ASN B 148 -14.19 3.28 5.33
CA ASN B 148 -13.46 2.36 4.46
C ASN B 148 -12.98 3.03 3.18
N GLY B 149 -13.04 4.37 3.16
CA GLY B 149 -12.49 5.14 2.07
C GLY B 149 -13.18 4.96 0.72
N ASN B 150 -14.45 4.58 0.73
CA ASN B 150 -15.24 4.50 -0.49
C ASN B 150 -15.97 5.82 -0.76
N GLU B 151 -15.24 6.79 -1.30
CA GLU B 151 -15.76 8.15 -1.46
C GLU B 151 -16.84 8.24 -2.54
N ASP B 152 -16.67 7.49 -3.63
CA ASP B 152 -17.65 7.48 -4.71
C ASP B 152 -19.03 7.09 -4.16
N ILE B 153 -19.07 6.06 -3.34
CA ILE B 153 -20.31 5.62 -2.70
C ILE B 153 -20.79 6.67 -1.70
N ALA B 154 -19.86 7.25 -0.95
CA ALA B 154 -20.20 8.26 0.05
C ALA B 154 -20.90 9.45 -0.58
N GLU B 155 -20.44 9.87 -1.74
CA GLU B 155 -21.08 10.96 -2.48
C GLU B 155 -22.54 10.59 -2.80
N VAL B 156 -22.74 9.39 -3.33
CA VAL B 156 -24.06 8.92 -3.73
C VAL B 156 -25.04 8.88 -2.56
N LEU B 157 -24.55 8.48 -1.40
CA LEU B 157 -25.39 8.40 -0.20
C LEU B 157 -25.82 9.78 0.28
N GLN B 158 -24.91 10.74 0.24
CA GLN B 158 -25.24 12.13 0.59
C GLN B 158 -26.44 12.64 -0.21
N LYS B 159 -26.42 12.39 -1.51
CA LYS B 159 -27.42 12.93 -2.42
C LYS B 159 -28.73 12.12 -2.44
N ALA B 160 -28.85 11.15 -1.55
CA ALA B 160 -30.06 10.32 -1.46
C ALA B 160 -30.82 10.62 -0.16
N LYS C 8 12.20 32.49 -23.45
CA LYS C 8 12.09 33.01 -22.08
C LYS C 8 11.69 31.93 -21.08
N GLY C 9 10.91 30.95 -21.53
CA GLY C 9 10.54 29.84 -20.68
C GLY C 9 11.76 29.03 -20.29
N GLU C 10 12.79 29.07 -21.13
CA GLU C 10 14.03 28.37 -20.87
C GLU C 10 14.79 28.97 -19.69
N GLU C 11 14.57 30.26 -19.44
CA GLU C 11 15.25 30.98 -18.36
C GLU C 11 14.90 30.43 -16.99
N LEU C 12 13.72 29.84 -16.88
CA LEU C 12 13.23 29.24 -15.64
C LEU C 12 13.98 27.96 -15.24
N PHE C 13 14.83 27.48 -16.15
CA PHE C 13 15.49 26.19 -15.97
C PHE C 13 17.01 26.31 -15.85
N THR C 14 17.48 27.54 -15.66
CA THR C 14 18.91 27.81 -15.56
C THR C 14 19.56 27.13 -14.34
N GLY C 15 18.76 26.81 -13.33
CA GLY C 15 19.29 26.16 -12.14
C GLY C 15 18.43 25.02 -11.61
N VAL C 16 18.67 24.66 -10.36
CA VAL C 16 17.97 23.55 -9.72
C VAL C 16 16.53 23.93 -9.42
N VAL C 17 15.60 23.13 -9.91
CA VAL C 17 14.18 23.33 -9.68
C VAL C 17 13.58 22.17 -8.88
N PRO C 18 12.80 22.47 -7.82
CA PRO C 18 12.15 21.39 -7.09
C PRO C 18 11.01 20.78 -7.89
N ILE C 19 10.73 19.50 -7.68
CA ILE C 19 9.70 18.80 -8.46
C ILE C 19 8.79 17.98 -7.56
N LEU C 20 7.50 18.04 -7.87
CA LEU C 20 6.49 17.20 -7.23
C LEU C 20 5.67 16.48 -8.30
N VAL C 21 5.44 15.20 -8.08
CA VAL C 21 4.65 14.38 -8.98
C VAL C 21 3.50 13.76 -8.21
N GLU C 22 2.32 13.81 -8.81
CA GLU C 22 1.11 13.19 -8.24
C GLU C 22 0.43 12.34 -9.31
N LEU C 23 0.18 11.07 -8.99
CA LEU C 23 -0.48 10.14 -9.91
C LEU C 23 -1.66 9.42 -9.27
N ASP C 24 -2.80 9.48 -9.95
CA ASP C 24 -3.97 8.68 -9.59
C ASP C 24 -4.13 7.58 -10.63
N GLY C 25 -3.98 6.33 -10.20
CA GLY C 25 -3.92 5.21 -11.11
C GLY C 25 -5.03 4.19 -10.92
N ASP C 26 -5.51 3.67 -12.05
CA ASP C 26 -6.48 2.57 -12.07
C ASP C 26 -6.05 1.56 -13.12
N VAL C 27 -5.77 0.34 -12.69
CA VAL C 27 -5.33 -0.72 -13.59
C VAL C 27 -6.12 -2.01 -13.33
N ASN C 28 -6.96 -2.38 -14.30
CA ASN C 28 -7.79 -3.57 -14.19
C ASN C 28 -8.59 -3.60 -12.88
N GLY C 29 -9.11 -2.44 -12.49
CA GLY C 29 -9.88 -2.32 -11.27
C GLY C 29 -9.06 -1.91 -10.05
N HIS C 30 -7.81 -2.36 -9.98
CA HIS C 30 -6.96 -2.01 -8.84
C HIS C 30 -6.58 -0.55 -8.90
N LYS C 31 -7.09 0.22 -7.93
CA LYS C 31 -6.79 1.64 -7.84
C LYS C 31 -5.62 1.88 -6.90
N PHE C 32 -4.84 2.92 -7.19
CA PHE C 32 -3.64 3.22 -6.42
C PHE C 32 -3.13 4.61 -6.72
N SER C 33 -2.26 5.12 -5.86
CA SER C 33 -1.68 6.44 -6.01
C SER C 33 -0.19 6.44 -5.65
N VAL C 34 0.57 7.27 -6.35
CA VAL C 34 2.00 7.38 -6.14
C VAL C 34 2.34 8.85 -5.99
N SER C 35 3.22 9.16 -5.04
CA SER C 35 3.69 10.52 -4.83
C SER C 35 5.20 10.58 -4.98
N GLY C 36 5.67 11.64 -5.63
CA GLY C 36 7.08 11.78 -5.95
C GLY C 36 7.65 13.12 -5.52
N GLU C 37 8.91 13.11 -5.12
CA GLU C 37 9.58 14.30 -4.61
C GLU C 37 11.01 14.34 -5.12
N GLY C 38 11.54 15.54 -5.36
CA GLY C 38 12.94 15.68 -5.69
C GLY C 38 13.29 16.93 -6.47
N GLU C 39 14.29 16.82 -7.34
CA GLU C 39 14.83 17.97 -8.05
C GLU C 39 15.20 17.65 -9.50
N GLY C 40 15.22 18.70 -10.32
CA GLY C 40 15.68 18.59 -11.69
C GLY C 40 16.65 19.71 -12.00
N ASP C 41 17.55 19.47 -12.94
CA ASP C 41 18.50 20.49 -13.35
C ASP C 41 18.80 20.28 -14.84
N ALA C 42 18.19 21.10 -15.68
CA ALA C 42 18.20 20.87 -17.12
C ALA C 42 19.57 21.11 -17.72
N THR C 43 20.43 21.83 -16.99
CA THR C 43 21.81 22.02 -17.42
C THR C 43 22.52 20.69 -17.65
N TYR C 44 22.15 19.68 -16.86
CA TYR C 44 22.77 18.36 -16.95
C TYR C 44 21.74 17.30 -17.31
N GLY C 45 20.55 17.74 -17.73
CA GLY C 45 19.46 16.84 -18.05
C GLY C 45 19.13 15.86 -16.94
N LYS C 46 19.36 16.28 -15.69
CA LYS C 46 19.34 15.34 -14.56
C LYS C 46 18.12 15.45 -13.67
N LEU C 47 17.58 14.29 -13.28
CA LEU C 47 16.53 14.19 -12.28
C LEU C 47 16.96 13.32 -11.12
N THR C 48 16.74 13.81 -9.90
CA THR C 48 16.95 13.03 -8.70
C THR C 48 15.64 13.00 -7.92
N LEU C 49 14.92 11.89 -8.02
CA LEU C 49 13.57 11.77 -7.47
C LEU C 49 13.38 10.50 -6.66
N LYS C 50 12.36 10.53 -5.79
CA LYS C 50 11.94 9.35 -5.04
C LYS C 50 10.44 9.25 -5.11
N PHE C 51 9.94 8.03 -5.33
CA PHE C 51 8.52 7.79 -5.46
C PHE C 51 8.03 6.78 -4.43
N ILE C 52 6.90 7.08 -3.82
CA ILE C 52 6.26 6.19 -2.85
C ILE C 52 4.81 5.93 -3.23
N CYS C 53 4.38 4.68 -3.08
CA CYS C 53 2.98 4.33 -3.24
C CYS C 53 2.23 4.65 -1.95
N THR C 54 1.37 5.66 -2.02
CA THR C 54 0.66 6.15 -0.84
C THR C 54 -0.66 5.41 -0.61
N THR C 55 -0.75 4.19 -1.15
CA THR C 55 -1.94 3.35 -0.97
C THR C 55 -1.53 1.89 -0.79
N GLY C 56 -0.33 1.66 -0.29
CA GLY C 56 0.15 0.30 -0.03
C GLY C 56 0.97 -0.33 -1.15
N LYS C 57 0.87 -1.65 -1.27
CA LYS C 57 1.50 -2.42 -2.33
C LYS C 57 1.09 -1.88 -3.71
N LEU C 58 2.08 -1.63 -4.57
CA LEU C 58 1.81 -1.15 -5.92
C LEU C 58 1.37 -2.34 -6.80
N PRO C 59 0.21 -2.23 -7.46
CA PRO C 59 -0.32 -3.40 -8.18
C PRO C 59 0.43 -3.71 -9.48
N VAL C 60 1.25 -2.78 -9.94
CA VAL C 60 2.05 -2.95 -11.14
C VAL C 60 3.53 -2.79 -10.81
N PRO C 61 4.42 -3.29 -11.67
CA PRO C 61 5.84 -3.10 -11.37
C PRO C 61 6.24 -1.64 -11.58
N TRP C 62 7.11 -1.13 -10.71
CA TRP C 62 7.54 0.26 -10.77
C TRP C 62 8.05 0.69 -12.15
N PRO C 63 8.89 -0.14 -12.81
CA PRO C 63 9.42 0.27 -14.12
C PRO C 63 8.35 0.69 -15.13
N THR C 64 7.14 0.15 -15.01
CA THR C 64 6.09 0.43 -15.98
C THR C 64 5.50 1.83 -15.83
N LEU C 65 5.79 2.49 -14.71
CA LEU C 65 5.24 3.82 -14.44
C LEU C 65 6.24 4.94 -14.68
N VAL C 66 7.50 4.58 -14.96
CA VAL C 66 8.57 5.56 -15.10
C VAL C 66 8.24 6.66 -16.11
N THR C 67 7.94 6.27 -17.34
CA THR C 67 7.67 7.23 -18.41
C THR C 67 6.55 8.17 -18.04
N THR C 68 5.61 7.69 -17.25
CA THR C 68 4.45 8.48 -16.89
C THR C 68 4.82 9.45 -15.78
N LEU C 69 5.59 8.98 -14.80
CA LEU C 69 6.05 9.83 -13.72
C LEU C 69 7.10 10.82 -14.21
N VAL C 71 8.67 14.52 -17.10
CA VAL C 71 9.03 15.93 -16.96
C VAL C 71 10.14 16.29 -17.93
N GLN C 72 9.85 16.10 -19.21
CA GLN C 72 10.82 16.27 -20.29
C GLN C 72 11.28 17.73 -20.49
N CYS C 73 10.68 18.66 -19.77
CA CYS C 73 11.19 20.03 -19.75
C CYS C 73 12.56 20.10 -19.08
N PHE C 74 12.93 19.03 -18.38
CA PHE C 74 14.24 18.96 -17.75
C PHE C 74 15.30 18.28 -18.62
N SER C 75 14.96 17.93 -19.85
CA SER C 75 15.93 17.38 -20.79
C SER C 75 16.96 18.44 -21.16
N ARG C 76 18.21 18.02 -21.33
CA ARG C 76 19.27 18.93 -21.77
C ARG C 76 19.23 19.13 -23.27
N TYR C 77 18.81 20.32 -23.70
CA TYR C 77 18.95 20.71 -25.09
C TYR C 77 20.27 21.45 -25.27
N PRO C 78 21.18 20.92 -26.11
CA PRO C 78 22.45 21.62 -26.33
C PRO C 78 22.23 22.98 -26.99
N ASP C 79 23.27 23.81 -27.01
CA ASP C 79 23.16 25.19 -27.51
C ASP C 79 22.58 25.27 -28.90
N HIS C 80 23.14 24.51 -29.84
CA HIS C 80 22.72 24.58 -31.24
C HIS C 80 21.33 23.97 -31.48
N MET C 81 20.65 23.53 -30.43
CA MET C 81 19.33 22.92 -30.57
C MET C 81 18.21 23.60 -29.78
N LYS C 82 18.53 24.68 -29.09
CA LYS C 82 17.56 25.32 -28.19
C LYS C 82 16.34 25.90 -28.92
N GLN C 83 16.46 26.11 -30.22
CA GLN C 83 15.30 26.49 -31.03
C GLN C 83 14.21 25.44 -30.92
N HIS C 84 14.60 24.20 -30.64
CA HIS C 84 13.71 23.05 -30.76
C HIS C 84 13.22 22.50 -29.41
N ASP C 85 13.25 23.35 -28.38
CA ASP C 85 12.85 22.93 -27.03
C ASP C 85 11.40 23.36 -26.75
N PHE C 86 10.45 22.57 -27.22
CA PHE C 86 9.04 22.86 -26.98
C PHE C 86 8.71 22.92 -25.48
N PHE C 87 9.24 21.97 -24.72
CA PHE C 87 8.81 21.78 -23.33
C PHE C 87 9.09 23.03 -22.49
N LYS C 88 10.26 23.62 -22.68
CA LYS C 88 10.66 24.79 -21.89
C LYS C 88 9.96 26.06 -22.39
N SER C 89 9.70 26.12 -23.68
CA SER C 89 9.07 27.30 -24.27
C SER C 89 7.61 27.43 -23.85
N ALA C 90 7.00 26.30 -23.49
CA ALA C 90 5.63 26.29 -23.02
C ALA C 90 5.51 26.76 -21.58
N MET C 91 6.65 26.99 -20.93
CA MET C 91 6.67 27.39 -19.53
C MET C 91 6.62 28.92 -19.40
N PRO C 92 6.10 29.42 -18.26
CA PRO C 92 5.65 28.67 -17.08
C PRO C 92 4.19 28.21 -17.10
N GLU C 93 3.41 28.68 -18.08
CA GLU C 93 1.99 28.30 -18.17
C GLU C 93 1.84 26.77 -18.25
N GLY C 94 2.74 26.13 -18.99
CA GLY C 94 2.84 24.69 -19.00
C GLY C 94 2.31 24.03 -20.26
N TYR C 95 2.12 22.72 -20.20
CA TYR C 95 1.61 21.96 -21.33
C TYR C 95 0.87 20.70 -20.87
N VAL C 96 -0.04 20.22 -21.71
CA VAL C 96 -0.72 18.96 -21.47
C VAL C 96 0.06 17.83 -22.12
N GLN C 97 0.28 16.75 -21.38
CA GLN C 97 0.92 15.55 -21.93
C GLN C 97 -0.06 14.38 -21.89
N GLU C 98 -0.30 13.79 -23.06
CA GLU C 98 -1.22 12.67 -23.18
C GLU C 98 -0.53 11.47 -23.81
N ARG C 99 -0.78 10.28 -23.26
CA ARG C 99 -0.17 9.06 -23.78
C ARG C 99 -1.15 7.90 -23.90
N THR C 100 -0.89 7.04 -24.88
CA THR C 100 -1.42 5.68 -24.87
C THR C 100 -0.21 4.74 -24.91
N ILE C 101 -0.24 3.71 -24.08
CA ILE C 101 0.91 2.81 -23.94
C ILE C 101 0.45 1.37 -24.07
N PHE C 102 0.91 0.71 -25.13
CA PHE C 102 0.50 -0.65 -25.46
C PHE C 102 1.57 -1.66 -25.08
N PHE C 103 1.25 -2.53 -24.12
CA PHE C 103 2.15 -3.61 -23.72
C PHE C 103 1.93 -4.83 -24.61
N LYS C 104 2.98 -5.23 -25.32
CA LYS C 104 2.89 -6.31 -26.30
C LYS C 104 2.28 -7.57 -25.70
N ASP C 105 1.22 -8.06 -26.34
CA ASP C 105 0.51 -9.27 -25.93
C ASP C 105 -0.08 -9.11 -24.53
N ASP C 106 -0.55 -7.89 -24.23
CA ASP C 106 -1.03 -7.57 -22.90
C ASP C 106 -1.85 -6.27 -22.91
N GLY C 107 -2.19 -5.76 -21.73
CA GLY C 107 -3.05 -4.59 -21.60
C GLY C 107 -2.39 -3.30 -22.02
N ASN C 108 -3.10 -2.17 -21.81
CA ASN C 108 -2.57 -0.86 -22.16
C ASN C 108 -2.86 0.22 -21.12
N TYR C 109 -1.97 1.20 -21.01
CA TYR C 109 -2.22 2.38 -20.18
C TYR C 109 -2.64 3.54 -21.07
N LYS C 110 -3.55 4.37 -20.57
CA LYS C 110 -3.76 5.70 -21.15
C LYS C 110 -3.65 6.76 -20.04
N THR C 111 -3.00 7.88 -20.36
CA THR C 111 -2.68 8.89 -19.36
C THR C 111 -2.83 10.31 -19.89
N ARG C 112 -3.31 11.18 -19.01
CA ARG C 112 -3.37 12.61 -19.29
C ARG C 112 -2.69 13.33 -18.13
N ALA C 113 -1.87 14.34 -18.45
CA ALA C 113 -1.19 15.09 -17.39
C ALA C 113 -0.93 16.53 -17.78
N GLU C 114 -0.85 17.39 -16.77
CA GLU C 114 -0.44 18.78 -16.94
C GLU C 114 0.89 18.99 -16.25
N VAL C 115 1.78 19.69 -16.94
CA VAL C 115 3.12 19.94 -16.45
C VAL C 115 3.33 21.44 -16.45
N LYS C 116 3.52 22.01 -15.27
CA LYS C 116 3.53 23.46 -15.13
C LYS C 116 4.11 23.90 -13.80
N PHE C 117 4.49 25.16 -13.74
CA PHE C 117 4.95 25.76 -12.49
C PHE C 117 3.79 26.15 -11.60
N GLU C 118 3.81 25.60 -10.39
CA GLU C 118 2.96 26.06 -9.29
C GLU C 118 3.87 26.66 -8.23
N GLY C 119 4.10 27.97 -8.36
CA GLY C 119 5.09 28.65 -7.54
C GLY C 119 6.43 28.58 -8.23
N ASP C 120 7.46 28.22 -7.47
CA ASP C 120 8.79 27.97 -8.03
C ASP C 120 9.01 26.48 -8.20
N THR C 121 7.93 25.71 -8.07
CA THR C 121 7.98 24.26 -8.23
C THR C 121 7.33 23.83 -9.54
N LEU C 122 8.04 23.02 -10.32
CA LEU C 122 7.42 22.41 -11.49
C LEU C 122 6.67 21.16 -11.06
N VAL C 123 5.40 21.09 -11.43
CA VAL C 123 4.51 20.02 -10.97
C VAL C 123 3.98 19.21 -12.14
N ASN C 124 3.92 17.89 -11.93
CA ASN C 124 3.38 16.96 -12.90
C ASN C 124 2.22 16.20 -12.27
N ARG C 125 1.00 16.53 -12.69
CA ARG C 125 -0.20 15.88 -12.15
C ARG C 125 -0.74 14.91 -13.18
N ILE C 126 -0.94 13.66 -12.77
CA ILE C 126 -1.22 12.57 -13.71
C ILE C 126 -2.45 11.78 -13.35
N GLU C 127 -3.22 11.45 -14.39
CA GLU C 127 -4.27 10.44 -14.33
C GLU C 127 -3.90 9.29 -15.24
N LEU C 128 -3.91 8.07 -14.71
CA LEU C 128 -3.59 6.88 -15.49
C LEU C 128 -4.73 5.88 -15.44
N LYS C 129 -5.07 5.33 -16.60
CA LYS C 129 -6.10 4.31 -16.72
C LYS C 129 -5.54 3.11 -17.47
N GLY C 130 -5.52 1.96 -16.81
CA GLY C 130 -5.04 0.72 -17.42
C GLY C 130 -6.16 -0.28 -17.64
N ILE C 131 -6.17 -0.91 -18.82
CA ILE C 131 -7.19 -1.91 -19.14
C ILE C 131 -6.61 -3.13 -19.88
N ASP C 132 -7.31 -4.25 -19.80
CA ASP C 132 -7.06 -5.44 -20.62
C ASP C 132 -5.79 -6.22 -20.24
N PHE C 133 -5.41 -6.20 -18.96
CA PHE C 133 -4.19 -6.90 -18.52
C PHE C 133 -4.45 -8.34 -18.05
N LYS C 134 -3.55 -9.24 -18.43
CA LYS C 134 -3.53 -10.61 -17.90
C LYS C 134 -3.11 -10.62 -16.42
N GLU C 135 -3.84 -11.34 -15.58
CA GLU C 135 -3.48 -11.45 -14.16
C GLU C 135 -2.24 -12.31 -13.93
N ASP C 136 -1.93 -13.19 -14.88
CA ASP C 136 -0.77 -14.07 -14.78
C ASP C 136 0.35 -13.62 -15.69
N GLY C 137 0.15 -12.48 -16.36
CA GLY C 137 1.11 -11.96 -17.31
C GLY C 137 2.32 -11.33 -16.64
N ASN C 138 3.11 -10.61 -17.43
CA ASN C 138 4.34 -10.01 -16.92
C ASN C 138 4.09 -8.79 -16.03
N ILE C 139 3.01 -8.08 -16.32
CA ILE C 139 2.67 -6.86 -15.57
C ILE C 139 2.09 -7.21 -14.19
N LEU C 140 0.83 -7.64 -14.17
CA LEU C 140 0.15 -7.94 -12.91
C LEU C 140 0.80 -9.11 -12.18
N GLY C 141 1.47 -9.97 -12.94
CA GLY C 141 2.24 -11.06 -12.35
C GLY C 141 3.58 -10.64 -11.77
N HIS C 142 3.98 -9.39 -12.02
CA HIS C 142 5.25 -8.86 -11.52
C HIS C 142 6.44 -9.74 -11.92
N LYS C 143 6.67 -9.85 -13.23
CA LYS C 143 7.77 -10.66 -13.76
C LYS C 143 8.85 -9.78 -14.39
N LEU C 144 8.71 -8.47 -14.21
CA LEU C 144 9.72 -7.50 -14.66
C LEU C 144 10.83 -7.30 -13.65
N GLU C 145 12.07 -7.50 -14.09
CA GLU C 145 13.24 -7.15 -13.29
C GLU C 145 13.17 -5.68 -12.86
N TYR C 146 13.77 -5.37 -11.71
CA TYR C 146 13.76 -4.01 -11.21
C TYR C 146 14.92 -3.19 -11.76
N ASN C 147 14.79 -2.78 -13.02
CA ASN C 147 15.73 -1.83 -13.62
C ASN C 147 15.13 -1.23 -14.87
N TYR C 148 15.98 -0.55 -15.66
CA TYR C 148 15.51 0.23 -16.78
C TYR C 148 16.60 0.36 -17.83
N ASN C 149 16.20 0.37 -19.09
CA ASN C 149 17.15 0.52 -20.19
C ASN C 149 17.24 1.97 -20.64
N SER C 150 18.01 2.18 -21.71
CA SER C 150 18.18 3.50 -22.31
C SER C 150 17.41 3.53 -23.63
N HIS C 151 16.72 4.64 -23.90
CA HIS C 151 15.82 4.71 -25.03
C HIS C 151 16.01 5.96 -25.87
N ASN C 152 15.45 5.92 -27.07
CA ASN C 152 15.45 7.06 -27.97
C ASN C 152 14.03 7.55 -28.14
N VAL C 153 13.77 8.77 -27.68
CA VAL C 153 12.43 9.33 -27.67
C VAL C 153 12.29 10.30 -28.83
N TYR C 154 11.54 9.90 -29.85
CA TYR C 154 11.48 10.65 -31.10
C TYR C 154 10.37 11.70 -31.12
N ILE C 155 10.77 12.93 -31.41
CA ILE C 155 9.89 14.09 -31.35
C ILE C 155 9.61 14.68 -32.73
N MET C 156 8.36 15.00 -32.99
CA MET C 156 7.93 15.70 -34.21
C MET C 156 7.08 16.92 -33.87
N ALA C 157 7.18 17.94 -34.71
CA ALA C 157 6.31 19.10 -34.57
C ALA C 157 4.90 18.73 -34.99
N ASP C 158 3.93 19.41 -34.42
CA ASP C 158 2.54 19.26 -34.83
C ASP C 158 1.89 20.64 -34.92
N LYS C 159 2.03 21.27 -36.09
CA LYS C 159 1.53 22.62 -36.28
C LYS C 159 0.02 22.68 -36.10
N GLN C 160 -0.67 21.62 -36.49
CA GLN C 160 -2.11 21.52 -36.31
C GLN C 160 -2.55 21.86 -34.88
N LYS C 161 -1.90 21.24 -33.91
CA LYS C 161 -2.22 21.46 -32.49
C LYS C 161 -1.26 22.44 -31.83
N ASN C 162 -0.34 22.99 -32.61
CA ASN C 162 0.63 23.94 -32.09
C ASN C 162 1.50 23.29 -31.04
N GLY C 163 1.78 22.00 -31.24
CA GLY C 163 2.50 21.22 -30.26
C GLY C 163 3.46 20.24 -30.89
N ILE C 164 3.57 19.07 -30.26
CA ILE C 164 4.46 18.02 -30.74
C ILE C 164 3.85 16.63 -30.61
N LYS C 165 4.27 15.73 -31.52
CA LYS C 165 3.95 14.31 -31.43
C LYS C 165 5.24 13.59 -31.12
N VAL C 166 5.17 12.65 -30.18
CA VAL C 166 6.36 11.93 -29.76
C VAL C 166 6.05 10.42 -29.70
N ASN C 167 7.03 9.62 -30.12
CA ASN C 167 6.86 8.17 -30.23
C ASN C 167 8.12 7.43 -29.80
N PHE C 168 7.94 6.29 -29.12
CA PHE C 168 9.06 5.44 -28.74
C PHE C 168 8.59 4.11 -28.17
N LYS C 169 9.53 3.19 -27.99
CA LYS C 169 9.25 1.88 -27.40
C LYS C 169 10.12 1.64 -26.18
N ILE C 170 9.48 1.38 -25.04
CA ILE C 170 10.20 1.01 -23.83
C ILE C 170 10.45 -0.49 -23.83
N ARG C 171 11.67 -0.87 -23.46
CA ARG C 171 12.06 -2.27 -23.38
C ARG C 171 12.14 -2.69 -21.91
N HIS C 172 11.20 -3.52 -21.48
CA HIS C 172 11.18 -4.00 -20.09
C HIS C 172 11.82 -5.39 -19.97
N ASN C 173 12.90 -5.48 -19.20
CA ASN C 173 13.55 -6.76 -18.94
C ASN C 173 12.63 -7.70 -18.17
N ILE C 174 12.55 -8.95 -18.66
CA ILE C 174 11.78 -10.00 -18.00
C ILE C 174 12.75 -10.95 -17.30
N GLU C 175 12.33 -11.48 -16.16
CA GLU C 175 13.22 -12.26 -15.31
C GLU C 175 13.76 -13.54 -15.98
N ASP C 176 13.14 -13.96 -17.08
CA ASP C 176 13.60 -15.17 -17.78
C ASP C 176 14.50 -14.84 -18.97
N GLY C 177 14.93 -13.58 -19.05
CA GLY C 177 15.84 -13.14 -20.10
C GLY C 177 15.17 -12.55 -21.33
N SER C 178 13.88 -12.80 -21.50
CA SER C 178 13.11 -12.23 -22.60
C SER C 178 12.87 -10.74 -22.35
N VAL C 179 12.25 -10.06 -23.32
CA VAL C 179 11.95 -8.63 -23.21
C VAL C 179 10.47 -8.35 -23.48
N GLN C 180 9.92 -7.40 -22.72
CA GLN C 180 8.54 -6.95 -22.90
C GLN C 180 8.52 -5.54 -23.43
N LEU C 181 8.00 -5.36 -24.64
CA LEU C 181 7.94 -4.03 -25.25
C LEU C 181 6.69 -3.27 -24.82
N ALA C 182 6.86 -1.96 -24.64
CA ALA C 182 5.75 -1.06 -24.36
C ALA C 182 5.79 0.07 -25.38
N ASP C 183 4.73 0.15 -26.18
CA ASP C 183 4.72 1.04 -27.33
C ASP C 183 4.04 2.36 -26.95
N HIS C 184 4.78 3.47 -27.08
CA HIS C 184 4.34 4.76 -26.58
C HIS C 184 3.92 5.73 -27.65
N TYR C 185 2.66 6.17 -27.58
CA TYR C 185 2.14 7.21 -28.46
C TYR C 185 1.76 8.42 -27.61
N GLN C 186 2.35 9.59 -27.90
CA GLN C 186 2.12 10.76 -27.07
C GLN C 186 2.09 12.05 -27.87
N GLN C 187 1.31 12.99 -27.35
CA GLN C 187 1.22 14.35 -27.90
C GLN C 187 1.24 15.37 -26.78
N ASN C 188 1.82 16.54 -27.06
CA ASN C 188 1.92 17.63 -26.10
C ASN C 188 1.39 18.92 -26.68
N THR C 189 0.58 19.64 -25.91
CA THR C 189 -0.02 20.90 -26.36
C THR C 189 0.08 21.98 -25.27
N PRO C 190 0.36 23.23 -25.68
CA PRO C 190 0.49 24.31 -24.69
C PRO C 190 -0.81 24.58 -23.92
N ILE C 191 -0.71 24.96 -22.66
CA ILE C 191 -1.87 25.36 -21.87
C ILE C 191 -2.13 26.85 -22.09
N GLY C 192 -1.05 27.62 -22.20
CA GLY C 192 -1.15 29.06 -22.43
C GLY C 192 -1.30 29.37 -23.90
N ASP C 193 -1.69 30.60 -24.21
CA ASP C 193 -1.91 31.02 -25.59
C ASP C 193 -0.71 31.78 -26.14
N GLY C 194 0.37 31.84 -25.37
CA GLY C 194 1.61 32.43 -25.83
C GLY C 194 2.21 31.62 -26.96
N PRO C 195 3.29 32.13 -27.58
CA PRO C 195 3.93 31.33 -28.63
C PRO C 195 4.77 30.20 -28.04
N VAL C 196 5.16 29.26 -28.90
CA VAL C 196 5.92 28.09 -28.49
C VAL C 196 6.86 27.69 -29.60
N LEU C 197 7.98 27.06 -29.24
CA LEU C 197 8.95 26.64 -30.22
C LEU C 197 8.59 25.28 -30.79
N LEU C 198 8.36 25.24 -32.10
CA LEU C 198 7.99 23.99 -32.77
C LEU C 198 9.24 23.43 -33.45
N PRO C 199 9.61 22.19 -33.10
CA PRO C 199 10.94 21.71 -33.47
C PRO C 199 11.02 20.93 -34.78
N ASP C 200 12.21 20.89 -35.36
CA ASP C 200 12.49 19.94 -36.43
C ASP C 200 12.68 18.59 -35.79
N ASN C 201 12.39 17.54 -36.54
CA ASN C 201 12.52 16.18 -36.02
C ASN C 201 13.85 15.96 -35.31
N HIS C 202 13.76 15.35 -34.13
CA HIS C 202 14.92 15.07 -33.31
C HIS C 202 14.52 14.02 -32.27
N TYR C 203 15.45 13.64 -31.40
CA TYR C 203 15.11 12.69 -30.34
C TYR C 203 15.80 13.01 -29.03
N LEU C 204 15.28 12.42 -27.96
CA LEU C 204 15.91 12.46 -26.65
C LEU C 204 16.58 11.12 -26.40
N SER C 205 17.77 11.16 -25.80
CA SER C 205 18.45 9.95 -25.37
C SER C 205 18.36 9.86 -23.86
N THR C 206 17.83 8.74 -23.36
CA THR C 206 17.49 8.63 -21.95
C THR C 206 18.30 7.57 -21.23
N GLN C 207 18.63 7.85 -19.99
CA GLN C 207 19.26 6.89 -19.10
C GLN C 207 18.63 7.02 -17.73
N SER C 208 18.33 5.88 -17.12
CA SER C 208 17.69 5.84 -15.82
C SER C 208 18.31 4.72 -14.99
N ALA C 209 18.25 4.87 -13.67
CA ALA C 209 18.72 3.84 -12.75
C ALA C 209 17.74 3.74 -11.59
N LEU C 210 17.25 2.52 -11.37
CA LEU C 210 16.27 2.27 -10.33
C LEU C 210 16.99 1.71 -9.10
N SER C 211 16.57 2.13 -7.91
CA SER C 211 17.22 1.69 -6.69
C SER C 211 16.30 1.75 -5.47
N LYS C 212 16.81 1.24 -4.34
CA LYS C 212 16.02 1.12 -3.12
C LYS C 212 16.65 1.89 -1.96
N ASP C 213 15.85 2.77 -1.34
CA ASP C 213 16.19 3.38 -0.07
C ASP C 213 16.22 2.33 1.07
N PRO C 214 17.41 2.07 1.65
CA PRO C 214 17.50 1.05 2.71
C PRO C 214 16.67 1.37 3.96
N ASN C 215 16.38 2.65 4.18
CA ASN C 215 15.64 3.06 5.37
C ASN C 215 14.19 3.37 5.04
N GLU C 216 13.73 2.87 3.89
CA GLU C 216 12.36 3.07 3.45
C GLU C 216 11.58 1.75 3.46
N LYS C 217 10.52 1.72 4.27
CA LYS C 217 9.69 0.53 4.45
C LYS C 217 8.50 0.47 3.50
N ARG C 218 8.07 1.63 2.98
CA ARG C 218 6.97 1.65 2.02
C ARG C 218 7.43 1.18 0.65
N ASP C 219 6.49 0.69 -0.15
CA ASP C 219 6.77 0.33 -1.53
C ASP C 219 7.17 1.60 -2.26
N HIS C 220 8.36 1.60 -2.85
CA HIS C 220 8.95 2.85 -3.31
C HIS C 220 9.89 2.63 -4.48
N MET C 221 10.30 3.74 -5.10
CA MET C 221 11.27 3.73 -6.18
C MET C 221 12.16 4.97 -6.09
N VAL C 222 13.46 4.74 -5.98
CA VAL C 222 14.42 5.84 -6.11
C VAL C 222 14.86 5.92 -7.56
N LEU C 223 14.75 7.10 -8.16
CA LEU C 223 15.03 7.29 -9.58
C LEU C 223 16.07 8.37 -9.87
N LEU C 224 17.15 7.96 -10.52
CA LEU C 224 18.15 8.87 -11.07
C LEU C 224 18.09 8.76 -12.59
N GLU C 225 17.97 9.88 -13.28
CA GLU C 225 17.83 9.83 -14.74
C GLU C 225 18.51 11.03 -15.42
N PHE C 226 19.11 10.74 -16.57
CA PHE C 226 19.81 11.72 -17.39
C PHE C 226 19.23 11.70 -18.80
N VAL C 227 18.83 12.86 -19.31
CA VAL C 227 18.29 12.94 -20.66
C VAL C 227 18.90 14.10 -21.46
N THR C 228 19.33 13.81 -22.68
CA THR C 228 19.86 14.82 -23.59
C THR C 228 19.18 14.72 -24.96
N ALA C 229 18.96 15.86 -25.59
CA ALA C 229 18.41 15.92 -26.94
C ALA C 229 19.50 15.69 -27.97
N ALA C 230 19.14 15.19 -29.15
CA ALA C 230 20.13 14.91 -30.18
C ALA C 230 19.48 14.74 -31.56
N GLY C 231 20.31 14.48 -32.56
CA GLY C 231 19.85 14.22 -33.91
C GLY C 231 19.72 15.46 -34.78
N ILE C 232 20.50 16.49 -34.47
CA ILE C 232 20.58 17.68 -35.30
C ILE C 232 22.02 18.21 -35.29
N THR C 233 22.49 18.64 -36.46
CA THR C 233 23.84 19.18 -36.61
C THR C 233 23.79 20.63 -37.10
N LYS D 8 2.76 -14.75 2.90
CA LYS D 8 2.28 -16.00 2.33
C LYS D 8 1.29 -16.69 3.26
N GLY D 9 1.48 -16.51 4.56
CA GLY D 9 0.56 -17.04 5.54
C GLY D 9 -0.83 -16.43 5.36
N GLU D 10 -0.87 -15.23 4.81
CA GLU D 10 -2.14 -14.54 4.56
C GLU D 10 -2.98 -15.20 3.48
N GLU D 11 -2.34 -15.96 2.59
CA GLU D 11 -3.06 -16.59 1.48
C GLU D 11 -4.08 -17.61 1.99
N LEU D 12 -3.83 -18.15 3.17
CA LEU D 12 -4.75 -19.11 3.79
C LEU D 12 -6.05 -18.45 4.26
N PHE D 13 -6.10 -17.12 4.20
CA PHE D 13 -7.24 -16.35 4.72
C PHE D 13 -7.99 -15.62 3.62
N THR D 14 -7.71 -15.97 2.37
CA THR D 14 -8.34 -15.33 1.21
C THR D 14 -9.85 -15.58 1.15
N GLY D 15 -10.32 -16.64 1.80
CA GLY D 15 -11.74 -16.96 1.82
C GLY D 15 -12.25 -17.43 3.18
N VAL D 16 -13.38 -18.11 3.17
CA VAL D 16 -14.00 -18.60 4.39
C VAL D 16 -13.19 -19.76 4.95
N VAL D 17 -12.78 -19.62 6.21
CA VAL D 17 -12.02 -20.66 6.92
C VAL D 17 -12.83 -21.18 8.10
N PRO D 18 -12.91 -22.51 8.27
CA PRO D 18 -13.63 -23.01 9.45
C PRO D 18 -12.89 -22.76 10.74
N ILE D 19 -13.62 -22.65 11.85
CA ILE D 19 -13.02 -22.35 13.14
C ILE D 19 -13.56 -23.29 14.22
N LEU D 20 -12.65 -23.74 15.08
CA LEU D 20 -13.00 -24.50 16.26
C LEU D 20 -12.34 -23.86 17.47
N VAL D 21 -13.10 -23.69 18.55
CA VAL D 21 -12.56 -23.16 19.79
C VAL D 21 -12.86 -24.12 20.94
N GLU D 22 -11.85 -24.37 21.77
CA GLU D 22 -12.03 -25.20 22.97
C GLU D 22 -11.42 -24.52 24.20
N LEU D 23 -12.23 -24.38 25.25
CA LEU D 23 -11.77 -23.78 26.50
C LEU D 23 -12.07 -24.66 27.71
N ASP D 24 -11.03 -24.92 28.52
CA ASP D 24 -11.19 -25.52 29.85
C ASP D 24 -10.89 -24.47 30.90
N GLY D 25 -11.89 -24.13 31.71
CA GLY D 25 -11.81 -23.01 32.65
C GLY D 25 -12.01 -23.35 34.12
N ASP D 26 -11.27 -22.65 34.97
CA ASP D 26 -11.45 -22.73 36.43
C ASP D 26 -11.44 -21.32 37.03
N VAL D 27 -12.53 -20.94 37.69
CA VAL D 27 -12.64 -19.62 38.31
C VAL D 27 -13.14 -19.74 39.76
N ASN D 28 -12.28 -19.39 40.70
CA ASN D 28 -12.62 -19.45 42.12
C ASN D 28 -13.15 -20.83 42.51
N GLY D 29 -12.53 -21.87 41.97
CA GLY D 29 -12.93 -23.23 42.27
C GLY D 29 -13.95 -23.81 41.29
N HIS D 30 -14.84 -22.96 40.79
CA HIS D 30 -15.86 -23.42 39.85
C HIS D 30 -15.22 -23.77 38.51
N LYS D 31 -15.19 -25.05 38.16
CA LYS D 31 -14.60 -25.49 36.90
C LYS D 31 -15.66 -25.68 35.83
N PHE D 32 -15.27 -25.49 34.56
CA PHE D 32 -16.20 -25.56 33.45
C PHE D 32 -15.48 -25.70 32.12
N SER D 33 -16.23 -26.07 31.08
CA SER D 33 -15.67 -26.25 29.75
C SER D 33 -16.56 -25.62 28.70
N VAL D 34 -15.94 -25.06 27.67
CA VAL D 34 -16.65 -24.41 26.58
C VAL D 34 -16.08 -24.84 25.24
N SER D 35 -16.96 -25.11 24.28
CA SER D 35 -16.56 -25.46 22.92
C SER D 35 -17.20 -24.48 21.93
N GLY D 36 -16.43 -24.11 20.91
CA GLY D 36 -16.88 -23.13 19.93
C GLY D 36 -16.71 -23.61 18.50
N GLU D 37 -17.64 -23.21 17.64
CA GLU D 37 -17.66 -23.62 16.24
C GLU D 37 -18.13 -22.50 15.33
N GLY D 38 -17.60 -22.49 14.11
CA GLY D 38 -18.09 -21.60 13.07
C GLY D 38 -17.04 -21.32 12.03
N GLU D 39 -17.08 -20.12 11.45
CA GLU D 39 -16.19 -19.76 10.37
C GLU D 39 -15.79 -18.30 10.45
N GLY D 40 -14.67 -17.98 9.83
CA GLY D 40 -14.18 -16.62 9.76
C GLY D 40 -13.81 -16.27 8.33
N ASP D 41 -13.86 -14.98 8.01
CA ASP D 41 -13.55 -14.50 6.67
C ASP D 41 -12.88 -13.14 6.76
N ALA D 42 -11.55 -13.14 6.61
CA ALA D 42 -10.74 -11.96 6.87
C ALA D 42 -10.96 -10.90 5.80
N THR D 43 -11.51 -11.31 4.66
CA THR D 43 -11.86 -10.38 3.60
C THR D 43 -12.80 -9.31 4.14
N TYR D 44 -13.65 -9.70 5.09
CA TYR D 44 -14.62 -8.80 5.69
C TYR D 44 -14.41 -8.66 7.19
N GLY D 45 -13.27 -9.15 7.67
CA GLY D 45 -12.96 -9.13 9.09
C GLY D 45 -14.06 -9.77 9.93
N LYS D 46 -14.77 -10.73 9.36
CA LYS D 46 -16.01 -11.23 9.95
C LYS D 46 -15.87 -12.62 10.60
N LEU D 47 -16.46 -12.76 11.77
CA LEU D 47 -16.58 -14.05 12.45
C LEU D 47 -18.03 -14.38 12.73
N THR D 48 -18.41 -15.61 12.41
CA THR D 48 -19.72 -16.14 12.77
C THR D 48 -19.52 -17.41 13.59
N LEU D 49 -19.66 -17.30 14.90
CA LEU D 49 -19.33 -18.40 15.81
C LEU D 49 -20.43 -18.68 16.81
N LYS D 50 -20.43 -19.90 17.34
CA LYS D 50 -21.34 -20.28 18.41
C LYS D 50 -20.58 -21.04 19.48
N PHE D 51 -20.87 -20.71 20.74
CA PHE D 51 -20.18 -21.30 21.89
C PHE D 51 -21.19 -21.98 22.80
N ILE D 52 -20.84 -23.16 23.29
CA ILE D 52 -21.68 -23.91 24.22
C ILE D 52 -20.91 -24.25 25.48
N CYS D 53 -21.57 -24.12 26.64
CA CYS D 53 -21.02 -24.60 27.90
C CYS D 53 -21.30 -26.10 28.05
N THR D 54 -20.24 -26.91 27.97
CA THR D 54 -20.37 -28.36 28.03
C THR D 54 -20.29 -28.93 29.44
N THR D 55 -20.61 -28.10 30.44
CA THR D 55 -20.58 -28.54 31.83
C THR D 55 -21.75 -27.97 32.64
N GLY D 56 -22.86 -27.67 31.95
CA GLY D 56 -24.03 -27.14 32.61
C GLY D 56 -24.03 -25.63 32.60
N LYS D 57 -24.60 -25.03 33.64
CA LYS D 57 -24.55 -23.59 33.83
C LYS D 57 -23.11 -23.06 33.84
N LEU D 58 -22.88 -21.98 33.09
CA LEU D 58 -21.59 -21.30 33.08
C LEU D 58 -21.44 -20.42 34.32
N PRO D 59 -20.33 -20.58 35.08
CA PRO D 59 -20.20 -19.88 36.36
C PRO D 59 -19.89 -18.39 36.23
N VAL D 60 -19.47 -17.96 35.05
CA VAL D 60 -19.11 -16.57 34.80
C VAL D 60 -19.98 -16.00 33.70
N PRO D 61 -20.03 -14.66 33.57
CA PRO D 61 -20.82 -14.12 32.46
C PRO D 61 -20.12 -14.38 31.14
N TRP D 62 -20.88 -14.72 30.12
CA TRP D 62 -20.33 -14.96 28.79
C TRP D 62 -19.43 -13.83 28.27
N PRO D 63 -19.88 -12.56 28.41
CA PRO D 63 -19.07 -11.44 27.89
C PRO D 63 -17.61 -11.44 28.35
N THR D 64 -17.33 -12.02 29.51
CA THR D 64 -15.97 -12.01 30.04
C THR D 64 -15.04 -12.95 29.29
N LEU D 65 -15.61 -13.82 28.47
CA LEU D 65 -14.83 -14.82 27.75
C LEU D 65 -14.57 -14.47 26.28
N VAL D 66 -15.22 -13.42 25.78
CA VAL D 66 -15.13 -13.04 24.36
C VAL D 66 -13.67 -12.87 23.90
N THR D 67 -12.92 -12.01 24.57
CA THR D 67 -11.55 -11.73 24.17
C THR D 67 -10.68 -12.99 24.12
N THR D 68 -10.98 -13.95 24.98
CA THR D 68 -10.19 -15.18 25.04
C THR D 68 -10.63 -16.17 23.98
N LEU D 69 -11.95 -16.28 23.79
CA LEU D 69 -12.50 -17.17 22.77
C LEU D 69 -12.24 -16.63 21.37
N VAL D 71 -8.90 -15.06 17.85
CA VAL D 71 -8.49 -15.39 16.48
C VAL D 71 -8.33 -14.12 15.66
N GLN D 72 -7.47 -13.24 16.16
CA GLN D 72 -7.25 -11.92 15.56
C GLN D 72 -6.58 -12.01 14.19
N CYS D 73 -6.21 -13.22 13.78
CA CYS D 73 -5.73 -13.45 12.42
C CYS D 73 -6.84 -13.22 11.40
N PHE D 74 -8.09 -13.17 11.87
CA PHE D 74 -9.22 -12.92 10.99
C PHE D 74 -9.56 -11.43 10.90
N SER D 75 -8.74 -10.59 11.54
CA SER D 75 -8.93 -9.16 11.43
C SER D 75 -8.70 -8.76 9.99
N ARG D 76 -9.50 -7.82 9.50
CA ARG D 76 -9.29 -7.32 8.14
C ARG D 76 -8.24 -6.23 8.15
N TYR D 77 -7.06 -6.56 7.63
CA TYR D 77 -6.01 -5.58 7.41
C TYR D 77 -6.13 -5.00 6.01
N PRO D 78 -6.36 -3.67 5.90
CA PRO D 78 -6.45 -3.06 4.56
C PRO D 78 -5.15 -3.19 3.77
N ASP D 79 -5.21 -2.89 2.47
CA ASP D 79 -4.07 -3.06 1.56
C ASP D 79 -2.82 -2.38 2.09
N HIS D 80 -2.95 -1.10 2.43
CA HIS D 80 -1.83 -0.29 2.89
C HIS D 80 -1.32 -0.66 4.29
N MET D 81 -1.88 -1.72 4.88
CA MET D 81 -1.46 -2.16 6.21
C MET D 81 -1.01 -3.62 6.23
N LYS D 82 -1.01 -4.27 5.07
CA LYS D 82 -0.74 -5.71 5.00
C LYS D 82 0.66 -6.00 5.54
N GLN D 83 1.50 -4.97 5.52
CA GLN D 83 2.83 -5.02 6.11
C GLN D 83 2.82 -5.37 7.61
N HIS D 84 1.72 -5.03 8.29
CA HIS D 84 1.68 -5.05 9.75
C HIS D 84 0.87 -6.20 10.35
N ASP D 85 0.68 -7.27 9.60
CA ASP D 85 -0.17 -8.38 10.04
C ASP D 85 0.61 -9.57 10.63
N PHE D 86 0.99 -9.46 11.90
CA PHE D 86 1.71 -10.54 12.58
C PHE D 86 0.95 -11.85 12.58
N PHE D 87 -0.36 -11.77 12.84
CA PHE D 87 -1.17 -12.95 13.12
C PHE D 87 -1.19 -13.95 11.95
N LYS D 88 -1.28 -13.43 10.74
CA LYS D 88 -1.38 -14.29 9.55
C LYS D 88 -0.04 -14.93 9.18
N SER D 89 1.06 -14.23 9.44
CA SER D 89 2.39 -14.75 9.10
C SER D 89 2.87 -15.86 10.02
N ALA D 90 2.35 -15.93 11.23
CA ALA D 90 2.73 -16.99 12.15
C ALA D 90 2.02 -18.29 11.74
N MET D 91 1.11 -18.18 10.78
CA MET D 91 0.37 -19.33 10.28
C MET D 91 1.12 -19.99 9.12
N PRO D 92 0.90 -21.29 8.91
CA PRO D 92 -0.07 -22.14 9.63
C PRO D 92 0.49 -22.74 10.92
N GLU D 93 1.79 -22.57 11.17
CA GLU D 93 2.39 -23.10 12.38
C GLU D 93 1.66 -22.56 13.61
N GLY D 94 1.34 -21.27 13.56
CA GLY D 94 0.47 -20.65 14.54
C GLY D 94 1.23 -19.81 15.54
N TYR D 95 0.54 -19.47 16.64
CA TYR D 95 1.14 -18.68 17.70
C TYR D 95 0.50 -18.98 19.05
N VAL D 96 1.27 -18.73 20.10
CA VAL D 96 0.76 -18.82 21.47
C VAL D 96 0.21 -17.46 21.84
N GLN D 97 -0.99 -17.43 22.42
CA GLN D 97 -1.56 -16.18 22.92
C GLN D 97 -1.71 -16.28 24.42
N GLU D 98 -1.07 -15.35 25.13
CA GLU D 98 -1.14 -15.32 26.59
C GLU D 98 -1.62 -13.96 27.06
N ARG D 99 -2.53 -13.98 28.03
CA ARG D 99 -3.11 -12.76 28.56
C ARG D 99 -3.16 -12.80 30.08
N THR D 100 -3.06 -11.61 30.65
CA THR D 100 -3.55 -11.37 31.99
C THR D 100 -4.60 -10.28 31.85
N ILE D 101 -5.73 -10.46 32.53
CA ILE D 101 -6.86 -9.54 32.40
C ILE D 101 -7.32 -9.14 33.79
N PHE D 102 -7.19 -7.85 34.08
CA PHE D 102 -7.49 -7.33 35.41
C PHE D 102 -8.86 -6.67 35.43
N PHE D 103 -9.79 -7.27 36.18
CA PHE D 103 -11.09 -6.66 36.38
C PHE D 103 -11.01 -5.73 37.58
N LYS D 104 -11.26 -4.45 37.33
CA LYS D 104 -11.13 -3.40 38.33
C LYS D 104 -11.92 -3.72 39.60
N ASP D 105 -11.23 -3.70 40.73
CA ASP D 105 -11.84 -3.94 42.04
C ASP D 105 -12.41 -5.36 42.13
N ASP D 106 -11.76 -6.32 41.48
CA ASP D 106 -12.27 -7.68 41.40
C ASP D 106 -11.15 -8.61 40.93
N GLY D 107 -11.49 -9.86 40.66
CA GLY D 107 -10.48 -10.86 40.33
C GLY D 107 -9.82 -10.64 38.98
N ASN D 108 -8.98 -11.58 38.58
CA ASN D 108 -8.28 -11.49 37.30
C ASN D 108 -8.26 -12.85 36.59
N TYR D 109 -8.21 -12.81 35.26
CA TYR D 109 -7.97 -14.01 34.47
C TYR D 109 -6.51 -14.08 34.05
N LYS D 110 -6.00 -15.30 34.02
CA LYS D 110 -4.77 -15.61 33.31
C LYS D 110 -5.14 -16.68 32.30
N THR D 111 -4.63 -16.54 31.09
CA THR D 111 -5.03 -17.43 30.01
C THR D 111 -3.86 -17.75 29.12
N ARG D 112 -3.79 -19.01 28.73
CA ARG D 112 -2.84 -19.48 27.74
C ARG D 112 -3.60 -20.23 26.67
N ALA D 113 -3.28 -19.93 25.41
CA ALA D 113 -3.95 -20.58 24.31
C ALA D 113 -3.02 -20.70 23.11
N GLU D 114 -3.27 -21.71 22.29
CA GLU D 114 -2.55 -21.89 21.04
C GLU D 114 -3.52 -21.68 19.89
N VAL D 115 -3.09 -20.94 18.88
CA VAL D 115 -3.94 -20.62 17.74
C VAL D 115 -3.19 -21.00 16.47
N LYS D 116 -3.75 -21.98 15.75
CA LYS D 116 -3.05 -22.61 14.63
C LYS D 116 -3.98 -23.46 13.78
N PHE D 117 -3.53 -23.79 12.58
CA PHE D 117 -4.26 -24.71 11.72
C PHE D 117 -4.05 -26.16 12.13
N GLU D 118 -5.16 -26.84 12.42
CA GLU D 118 -5.17 -28.29 12.56
C GLU D 118 -6.00 -28.84 11.41
N GLY D 119 -5.33 -29.12 10.30
CA GLY D 119 -5.99 -29.43 9.04
C GLY D 119 -6.21 -28.15 8.28
N ASP D 120 -7.42 -27.97 7.74
CA ASP D 120 -7.80 -26.71 7.10
C ASP D 120 -8.65 -25.87 8.04
N THR D 121 -8.69 -26.28 9.30
CA THR D 121 -9.45 -25.59 10.32
C THR D 121 -8.53 -24.80 11.23
N LEU D 122 -8.83 -23.52 11.43
CA LEU D 122 -8.10 -22.73 12.42
C LEU D 122 -8.68 -22.97 13.80
N VAL D 123 -7.81 -23.36 14.73
CA VAL D 123 -8.25 -23.77 16.06
C VAL D 123 -7.67 -22.88 17.15
N ASN D 124 -8.50 -22.58 18.16
CA ASN D 124 -8.07 -21.85 19.34
C ASN D 124 -8.32 -22.70 20.58
N ARG D 125 -7.24 -23.24 21.15
CA ARG D 125 -7.31 -24.11 22.33
C ARG D 125 -6.85 -23.35 23.57
N ILE D 126 -7.69 -23.37 24.61
CA ILE D 126 -7.49 -22.48 25.76
C ILE D 126 -7.55 -23.16 27.14
N GLU D 127 -6.62 -22.74 28.02
CA GLU D 127 -6.74 -22.96 29.47
C GLU D 127 -6.87 -21.63 30.17
N LEU D 128 -7.87 -21.50 31.03
CA LEU D 128 -8.11 -20.27 31.78
C LEU D 128 -8.18 -20.55 33.29
N LYS D 129 -7.51 -19.72 34.07
CA LYS D 129 -7.59 -19.78 35.53
C LYS D 129 -7.92 -18.41 36.14
N GLY D 130 -9.03 -18.38 36.88
CA GLY D 130 -9.49 -17.17 37.55
C GLY D 130 -9.34 -17.26 39.06
N ILE D 131 -8.88 -16.18 39.67
CA ILE D 131 -8.72 -16.10 41.13
C ILE D 131 -9.18 -14.75 41.69
N ASP D 132 -9.51 -14.74 42.98
CA ASP D 132 -9.72 -13.51 43.75
C ASP D 132 -11.01 -12.77 43.37
N PHE D 133 -12.03 -13.50 42.94
CA PHE D 133 -13.30 -12.88 42.57
C PHE D 133 -14.28 -12.81 43.75
N LYS D 134 -14.95 -11.68 43.86
CA LYS D 134 -16.03 -11.50 44.83
C LYS D 134 -17.22 -12.37 44.49
N GLU D 135 -17.72 -13.06 45.52
CA GLU D 135 -18.86 -13.94 45.36
C GLU D 135 -20.13 -13.12 45.12
N ASP D 136 -20.09 -11.85 45.55
CA ASP D 136 -21.20 -10.92 45.38
C ASP D 136 -20.91 -9.87 44.32
N GLY D 137 -19.77 -9.98 43.65
CA GLY D 137 -19.36 -8.99 42.67
C GLY D 137 -20.10 -9.09 41.35
N ASN D 138 -19.62 -8.37 40.34
CA ASN D 138 -20.28 -8.31 39.05
C ASN D 138 -20.08 -9.59 38.24
N ILE D 139 -18.95 -10.25 38.44
CA ILE D 139 -18.63 -11.46 37.71
C ILE D 139 -19.46 -12.64 38.22
N LEU D 140 -19.10 -13.16 39.39
CA LEU D 140 -19.78 -14.30 39.96
C LEU D 140 -21.24 -14.00 40.33
N GLY D 141 -21.54 -12.72 40.57
CA GLY D 141 -22.91 -12.31 40.80
C GLY D 141 -23.73 -12.21 39.51
N HIS D 142 -23.05 -12.27 38.38
CA HIS D 142 -23.68 -12.17 37.07
C HIS D 142 -24.51 -10.89 36.96
N LYS D 143 -23.83 -9.75 37.07
CA LYS D 143 -24.48 -8.44 36.98
C LYS D 143 -24.03 -7.72 35.71
N LEU D 144 -23.33 -8.44 34.84
CA LEU D 144 -22.92 -7.93 33.54
C LEU D 144 -24.04 -8.12 32.53
N GLU D 145 -24.47 -7.02 31.90
CA GLU D 145 -25.42 -7.10 30.79
C GLU D 145 -24.93 -8.06 29.71
N TYR D 146 -25.87 -8.68 29.00
CA TYR D 146 -25.51 -9.61 27.94
C TYR D 146 -25.32 -8.85 26.64
N ASN D 147 -24.20 -8.15 26.54
CA ASN D 147 -23.80 -7.47 25.32
C ASN D 147 -22.31 -7.14 25.31
N TYR D 148 -21.88 -6.32 24.37
CA TYR D 148 -20.46 -6.04 24.17
C TYR D 148 -20.29 -4.72 23.46
N ASN D 149 -19.25 -3.98 23.83
CA ASN D 149 -18.97 -2.70 23.22
C ASN D 149 -17.95 -2.80 22.10
N SER D 150 -17.57 -1.66 21.53
CA SER D 150 -16.57 -1.60 20.49
C SER D 150 -15.31 -1.04 21.10
N HIS D 151 -14.18 -1.62 20.73
CA HIS D 151 -12.93 -1.30 21.39
C HIS D 151 -11.82 -1.03 20.39
N ASN D 152 -10.75 -0.41 20.90
CA ASN D 152 -9.56 -0.14 20.14
C ASN D 152 -8.42 -0.95 20.73
N VAL D 153 -7.87 -1.87 19.92
CA VAL D 153 -6.86 -2.81 20.36
C VAL D 153 -5.47 -2.41 19.88
N TYR D 154 -4.65 -1.92 20.80
CA TYR D 154 -3.36 -1.31 20.44
C TYR D 154 -2.23 -2.34 20.39
N ILE D 155 -1.54 -2.37 19.25
CA ILE D 155 -0.53 -3.39 18.96
C ILE D 155 0.89 -2.83 18.87
N MET D 156 1.84 -3.50 19.53
CA MET D 156 3.26 -3.17 19.40
C MET D 156 4.10 -4.43 19.13
N ALA D 157 5.22 -4.25 18.42
CA ALA D 157 6.19 -5.33 18.22
C ALA D 157 6.96 -5.65 19.49
N ASP D 158 7.42 -6.90 19.61
CA ASP D 158 8.26 -7.34 20.72
C ASP D 158 9.39 -8.25 20.23
N LYS D 159 10.50 -7.64 19.85
CA LYS D 159 11.63 -8.33 19.24
C LYS D 159 12.28 -9.34 20.18
N GLN D 160 12.32 -8.99 21.46
CA GLN D 160 12.86 -9.85 22.51
C GLN D 160 12.28 -11.26 22.39
N LYS D 161 10.95 -11.34 22.25
CA LYS D 161 10.26 -12.62 22.09
C LYS D 161 9.89 -12.92 20.63
N ASN D 162 10.20 -11.99 19.73
CA ASN D 162 9.91 -12.15 18.30
C ASN D 162 8.41 -12.28 18.02
N GLY D 163 7.61 -11.51 18.75
CA GLY D 163 6.16 -11.59 18.68
C GLY D 163 5.54 -10.21 18.76
N ILE D 164 4.43 -10.08 19.47
CA ILE D 164 3.77 -8.80 19.63
C ILE D 164 3.31 -8.55 21.06
N LYS D 165 3.28 -7.28 21.43
CA LYS D 165 2.74 -6.82 22.69
C LYS D 165 1.49 -6.03 22.36
N VAL D 166 0.38 -6.33 23.03
CA VAL D 166 -0.88 -5.66 22.74
C VAL D 166 -1.61 -5.28 24.03
N ASN D 167 -2.22 -4.10 24.01
CA ASN D 167 -2.91 -3.55 25.17
C ASN D 167 -4.21 -2.84 24.81
N PHE D 168 -5.22 -3.01 25.65
CA PHE D 168 -6.49 -2.34 25.48
C PHE D 168 -7.33 -2.56 26.72
N LYS D 169 -8.44 -1.84 26.81
CA LYS D 169 -9.36 -2.00 27.92
C LYS D 169 -10.77 -2.31 27.44
N ILE D 170 -11.29 -3.44 27.90
CA ILE D 170 -12.65 -3.85 27.61
C ILE D 170 -13.61 -3.21 28.61
N ARG D 171 -14.71 -2.69 28.09
CA ARG D 171 -15.74 -2.05 28.89
C ARG D 171 -16.95 -2.98 29.00
N HIS D 172 -17.18 -3.54 30.19
CA HIS D 172 -18.33 -4.42 30.42
C HIS D 172 -19.47 -3.65 31.08
N ASN D 173 -20.59 -3.54 30.37
CA ASN D 173 -21.77 -2.89 30.90
C ASN D 173 -22.35 -3.65 32.09
N ILE D 174 -22.64 -2.91 33.16
CA ILE D 174 -23.28 -3.46 34.35
C ILE D 174 -24.75 -3.06 34.34
N GLU D 175 -25.59 -3.91 34.90
CA GLU D 175 -27.04 -3.78 34.79
C GLU D 175 -27.61 -2.47 35.34
N ASP D 176 -26.82 -1.74 36.12
CA ASP D 176 -27.26 -0.47 36.70
C ASP D 176 -26.75 0.74 35.92
N GLY D 177 -26.21 0.49 34.72
CA GLY D 177 -25.74 1.57 33.87
C GLY D 177 -24.28 1.90 34.05
N SER D 178 -23.68 1.44 35.15
CA SER D 178 -22.25 1.62 35.37
C SER D 178 -21.46 0.68 34.47
N VAL D 179 -20.13 0.82 34.48
CA VAL D 179 -19.26 0.00 33.65
C VAL D 179 -18.15 -0.67 34.46
N GLN D 180 -17.81 -1.88 34.04
CA GLN D 180 -16.74 -2.67 34.62
C GLN D 180 -15.59 -2.74 33.63
N LEU D 181 -14.44 -2.16 33.99
CA LEU D 181 -13.29 -2.18 33.09
C LEU D 181 -12.51 -3.47 33.29
N ALA D 182 -12.01 -4.00 32.17
CA ALA D 182 -11.14 -5.16 32.19
C ALA D 182 -9.89 -4.81 31.43
N ASP D 183 -8.76 -4.82 32.12
CA ASP D 183 -7.52 -4.31 31.58
C ASP D 183 -6.75 -5.46 30.96
N HIS D 184 -6.46 -5.35 29.66
CA HIS D 184 -5.88 -6.46 28.92
C HIS D 184 -4.41 -6.23 28.62
N TYR D 185 -3.59 -7.10 29.18
CA TYR D 185 -2.17 -7.16 28.88
C TYR D 185 -1.98 -8.48 28.17
N GLN D 186 -1.43 -8.43 26.96
CA GLN D 186 -1.40 -9.59 26.09
C GLN D 186 -0.08 -9.70 25.33
N GLN D 187 0.37 -10.93 25.14
CA GLN D 187 1.56 -11.17 24.31
C GLN D 187 1.28 -12.36 23.40
N ASN D 188 1.82 -12.31 22.19
CA ASN D 188 1.68 -13.41 21.23
C ASN D 188 3.04 -13.77 20.67
N THR D 189 3.36 -15.05 20.61
CA THR D 189 4.65 -15.52 20.10
C THR D 189 4.48 -16.72 19.16
N PRO D 190 5.26 -16.75 18.07
CA PRO D 190 5.14 -17.87 17.11
C PRO D 190 5.48 -19.23 17.71
N ILE D 191 4.80 -20.27 17.25
CA ILE D 191 5.10 -21.64 17.66
C ILE D 191 6.21 -22.20 16.78
N GLY D 192 6.18 -21.85 15.50
CA GLY D 192 7.18 -22.29 14.54
C GLY D 192 8.38 -21.37 14.54
N ASP D 193 9.48 -21.84 13.94
CA ASP D 193 10.72 -21.08 13.90
C ASP D 193 10.91 -20.32 12.58
N GLY D 194 9.88 -20.35 11.73
CA GLY D 194 9.88 -19.55 10.52
C GLY D 194 9.87 -18.08 10.86
N PRO D 195 10.02 -17.21 9.85
CA PRO D 195 9.94 -15.78 10.09
C PRO D 195 8.52 -15.26 10.26
N VAL D 196 8.39 -14.05 10.79
CA VAL D 196 7.10 -13.40 10.98
C VAL D 196 7.34 -11.90 10.82
N LEU D 197 6.38 -11.19 10.24
CA LEU D 197 6.54 -9.76 10.02
C LEU D 197 6.07 -8.99 11.26
N LEU D 198 6.98 -8.17 11.79
CA LEU D 198 6.76 -7.42 13.01
C LEU D 198 6.30 -5.99 12.68
N PRO D 199 5.15 -5.56 13.25
CA PRO D 199 4.44 -4.37 12.75
C PRO D 199 4.84 -3.05 13.41
N ASP D 200 4.56 -1.95 12.71
CA ASP D 200 4.61 -0.61 13.30
C ASP D 200 3.36 -0.39 14.15
N ASN D 201 3.49 0.40 15.21
CA ASN D 201 2.37 0.67 16.12
C ASN D 201 1.08 1.06 15.39
N HIS D 202 0.00 0.39 15.76
CA HIS D 202 -1.31 0.59 15.15
C HIS D 202 -2.37 -0.09 16.03
N TYR D 203 -3.64 -0.04 15.61
CA TYR D 203 -4.68 -0.71 16.38
C TYR D 203 -5.75 -1.42 15.52
N LEU D 204 -6.50 -2.30 16.17
CA LEU D 204 -7.67 -2.93 15.58
C LEU D 204 -8.94 -2.27 16.12
N SER D 205 -9.92 -2.06 15.25
CA SER D 205 -11.23 -1.55 15.67
C SER D 205 -12.25 -2.69 15.62
N THR D 206 -12.90 -2.96 16.76
CA THR D 206 -13.70 -4.16 16.93
C THR D 206 -15.18 -3.86 17.16
N GLN D 207 -16.03 -4.72 16.64
CA GLN D 207 -17.46 -4.67 16.90
C GLN D 207 -17.98 -6.09 17.12
N SER D 208 -18.78 -6.29 18.15
CA SER D 208 -19.31 -7.61 18.46
C SER D 208 -20.77 -7.53 18.89
N ALA D 209 -21.49 -8.63 18.65
CA ALA D 209 -22.88 -8.76 19.07
C ALA D 209 -23.15 -10.16 19.58
N LEU D 210 -23.67 -10.23 20.80
CA LEU D 210 -23.99 -11.50 21.44
C LEU D 210 -25.48 -11.77 21.28
N SER D 211 -25.83 -13.03 21.08
CA SER D 211 -27.22 -13.39 20.86
C SER D 211 -27.50 -14.82 21.30
N LYS D 212 -28.77 -15.19 21.26
CA LYS D 212 -29.24 -16.47 21.74
C LYS D 212 -29.93 -17.28 20.65
N ASP D 213 -29.44 -18.50 20.46
CA ASP D 213 -30.13 -19.50 19.65
C ASP D 213 -31.45 -19.92 20.33
N PRO D 214 -32.60 -19.60 19.72
CA PRO D 214 -33.88 -19.96 20.34
C PRO D 214 -34.08 -21.46 20.49
N ASN D 215 -33.35 -22.23 19.68
CA ASN D 215 -33.46 -23.69 19.70
C ASN D 215 -32.29 -24.37 20.42
N GLU D 216 -31.57 -23.63 21.24
CA GLU D 216 -30.45 -24.15 22.01
C GLU D 216 -30.80 -24.24 23.48
N LYS D 217 -30.77 -25.45 24.03
CA LYS D 217 -31.19 -25.67 25.41
C LYS D 217 -30.01 -25.57 26.38
N ARG D 218 -28.79 -25.79 25.88
CA ARG D 218 -27.59 -25.63 26.70
C ARG D 218 -27.24 -24.15 26.88
N ASP D 219 -26.52 -23.85 27.96
CA ASP D 219 -26.01 -22.49 28.19
C ASP D 219 -24.99 -22.15 27.10
N HIS D 220 -25.23 -21.05 26.38
CA HIS D 220 -24.51 -20.79 25.13
C HIS D 220 -24.35 -19.30 24.79
N MET D 221 -23.49 -19.02 23.80
CA MET D 221 -23.30 -17.68 23.27
C MET D 221 -23.10 -17.73 21.76
N VAL D 222 -23.98 -17.05 21.03
CA VAL D 222 -23.80 -16.86 19.60
C VAL D 222 -23.09 -15.53 19.40
N LEU D 223 -21.99 -15.56 18.64
CA LEU D 223 -21.15 -14.37 18.48
C LEU D 223 -20.95 -13.99 17.00
N LEU D 224 -21.33 -12.75 16.69
CA LEU D 224 -21.04 -12.13 15.39
C LEU D 224 -20.05 -11.02 15.65
N GLU D 225 -18.98 -10.97 14.87
CA GLU D 225 -17.90 -10.03 15.12
C GLU D 225 -17.29 -9.47 13.83
N PHE D 226 -17.01 -8.17 13.85
CA PHE D 226 -16.34 -7.48 12.74
C PHE D 226 -15.12 -6.74 13.29
N VAL D 227 -13.95 -6.99 12.71
CA VAL D 227 -12.72 -6.32 13.15
C VAL D 227 -11.91 -5.80 11.97
N THR D 228 -11.46 -4.54 12.08
CA THR D 228 -10.65 -3.91 11.06
C THR D 228 -9.40 -3.24 11.65
N ALA D 229 -8.28 -3.31 10.95
CA ALA D 229 -7.05 -2.64 11.36
C ALA D 229 -7.08 -1.17 10.94
N ALA D 230 -6.39 -0.32 11.68
CA ALA D 230 -6.37 1.10 11.38
C ALA D 230 -5.22 1.80 12.10
N GLY D 231 -5.12 3.12 11.90
CA GLY D 231 -4.13 3.93 12.58
C GLY D 231 -2.78 4.02 11.88
N ILE D 232 -2.78 3.88 10.56
CA ILE D 232 -1.57 4.06 9.75
C ILE D 232 -1.91 4.73 8.43
#